data_4CBT
#
_entry.id   4CBT
#
_cell.length_a   104.410
_cell.length_b   104.410
_cell.length_c   88.440
_cell.angle_alpha   90.00
_cell.angle_beta   90.00
_cell.angle_gamma   120.00
#
_symmetry.space_group_name_H-M   'P 32'
#
loop_
_entity.id
_entity.type
_entity.pdbx_description
1 polymer 'HISTONE DEACETYLASE 4'
2 non-polymer (1R,2R,3R)-2-[4-(5-fluoranylpyrimidin-2-yl)phenyl]-N-oxidanyl-3-phenyl-cyclopropane-1-carboxamide
3 non-polymer 'ZINC ION'
4 water water
#
_entity_poly.entity_id   1
_entity_poly.type   'polypeptide(L)'
_entity_poly.pdbx_seq_one_letter_code
;MGSTKPRFTTGLVYDTLMLKHQCTCGSSSSHPEHAGRIQSIWSRLQETGLRGKCECIRGRKATLEELQTVHSEAHTLLYG
TNPLNRQKLDSKKLLGSLASVFVRLPCGGVGVDSDTIWNEVHSAGAARLAVGCVVELVFKVATGELKNGFAVVRPPGHHA
EESTPMGFCYFNSVAVAAKLLQQRLSVSKILIVDWDVHHGNGTQQAFYSDPSVLYMSLHRYDDGNFFPGSGAPDEVGTGP
GVGFNVNMAFTGGLDPPMGDAEYLAAFRTVVMPIASEFAPDVVLVSSGFDAVEGHPTPLGGYNLSARCFGYLTKQLMGLA
GGRIVLALEGGHDLTAICDASEACVSALLGNELDPLPEKVLQQRPNANAVRSMEKVMEIHSKYWRCLQRHHHHHH
;
_entity_poly.pdbx_strand_id   A,B,C
#
# COMPACT_ATOMS: atom_id res chain seq x y z
N PRO A 6 -1.59 -26.33 27.99
CA PRO A 6 -2.29 -26.04 26.75
C PRO A 6 -3.57 -26.87 26.53
N ARG A 7 -3.44 -28.19 26.56
CA ARG A 7 -4.57 -29.13 26.36
C ARG A 7 -5.12 -29.08 24.93
N PHE A 8 -4.54 -29.90 24.04
CA PHE A 8 -4.90 -29.89 22.62
C PHE A 8 -6.34 -30.39 22.41
N THR A 9 -7.29 -29.51 22.66
CA THR A 9 -8.71 -29.84 22.58
C THR A 9 -9.51 -28.61 22.14
N THR A 10 -10.84 -28.66 22.34
CA THR A 10 -11.73 -27.57 21.95
C THR A 10 -11.48 -26.31 22.79
N GLY A 11 -11.50 -25.16 22.12
CA GLY A 11 -11.31 -23.87 22.79
C GLY A 11 -12.60 -23.05 22.84
N LEU A 12 -12.60 -22.03 23.68
CA LEU A 12 -13.73 -21.11 23.79
C LEU A 12 -13.25 -19.72 24.20
N VAL A 13 -13.92 -18.68 23.71
CA VAL A 13 -13.65 -17.31 24.13
C VAL A 13 -14.95 -16.56 24.40
N TYR A 14 -14.93 -15.75 25.46
CA TYR A 14 -16.10 -15.00 25.92
C TYR A 14 -15.63 -13.96 26.92
N ASP A 15 -16.34 -12.83 26.99
CA ASP A 15 -15.98 -11.75 27.89
C ASP A 15 -17.22 -10.98 28.29
N THR A 16 -17.40 -10.75 29.60
CA THR A 16 -18.56 -10.03 30.12
C THR A 16 -18.57 -8.59 29.62
N LEU A 17 -17.39 -8.05 29.33
CA LEU A 17 -17.28 -6.68 28.79
C LEU A 17 -17.91 -6.51 27.41
N MET A 18 -18.21 -7.61 26.72
CA MET A 18 -18.98 -7.55 25.48
C MET A 18 -20.47 -7.32 25.75
N LEU A 19 -20.92 -7.64 26.97
CA LEU A 19 -22.31 -7.40 27.37
C LEU A 19 -22.66 -5.91 27.42
N LYS A 20 -21.65 -5.07 27.65
CA LYS A 20 -21.86 -3.64 27.84
C LYS A 20 -22.07 -2.84 26.55
N HIS A 21 -21.99 -3.51 25.41
CA HIS A 21 -22.54 -2.96 24.16
C HIS A 21 -24.03 -3.20 24.17
N GLN A 22 -24.76 -2.27 24.76
CA GLN A 22 -26.21 -2.39 24.91
C GLN A 22 -26.85 -1.03 25.16
N CYS A 23 -28.05 -0.84 24.61
CA CYS A 23 -28.77 0.42 24.74
C CYS A 23 -29.05 0.74 26.21
N THR A 24 -29.09 2.03 26.55
CA THR A 24 -29.37 2.45 27.92
C THR A 24 -30.80 2.11 28.35
N CYS A 25 -31.69 1.94 27.37
CA CYS A 25 -33.07 1.49 27.63
C CYS A 25 -33.11 0.02 28.08
N GLY A 26 -32.11 -0.76 27.66
CA GLY A 26 -31.88 -2.10 28.18
C GLY A 26 -32.96 -3.13 27.88
N SER A 27 -33.66 -2.96 26.75
CA SER A 27 -34.75 -3.86 26.38
C SER A 27 -34.31 -4.86 25.31
N SER A 28 -34.81 -6.09 25.42
CA SER A 28 -34.55 -7.13 24.43
C SER A 28 -35.33 -6.84 23.14
N SER A 29 -36.62 -6.56 23.29
CA SER A 29 -37.54 -6.41 22.15
C SER A 29 -37.14 -5.29 21.20
N SER A 30 -36.87 -4.11 21.75
CA SER A 30 -36.59 -2.93 20.91
C SER A 30 -35.26 -3.04 20.14
N HIS A 31 -34.34 -3.86 20.62
CA HIS A 31 -33.03 -4.05 19.97
C HIS A 31 -32.66 -5.53 19.95
N PRO A 32 -32.98 -6.24 18.82
CA PRO A 32 -32.79 -7.68 18.74
C PRO A 32 -31.38 -8.16 19.08
N GLU A 33 -30.34 -7.36 18.69
CA GLU A 33 -28.95 -7.70 18.99
C GLU A 33 -28.66 -7.16 20.38
N HIS A 34 -28.85 -8.07 21.40
CA HIS A 34 -28.73 -7.70 22.81
C HIS A 34 -27.79 -8.61 23.60
N ALA A 35 -27.29 -8.10 24.72
CA ALA A 35 -26.32 -8.79 25.58
C ALA A 35 -26.74 -10.21 25.93
N GLY A 36 -28.04 -10.40 26.12
CA GLY A 36 -28.59 -11.73 26.44
C GLY A 36 -28.34 -12.81 25.41
N ARG A 37 -28.01 -12.41 24.15
CA ARG A 37 -27.76 -13.40 23.11
C ARG A 37 -26.59 -14.29 23.45
N ILE A 38 -25.48 -13.68 23.95
CA ILE A 38 -24.26 -14.41 24.29
C ILE A 38 -24.28 -14.95 25.72
N GLN A 39 -24.87 -14.20 26.65
CA GLN A 39 -24.94 -14.62 28.05
C GLN A 39 -25.72 -15.92 28.19
N SER A 40 -26.81 -16.04 27.44
CA SER A 40 -27.59 -17.26 27.41
C SER A 40 -26.77 -18.44 26.89
N ILE A 41 -25.94 -18.19 25.86
CA ILE A 41 -25.09 -19.23 25.29
C ILE A 41 -23.99 -19.66 26.25
N TRP A 42 -23.35 -18.70 26.90
CA TRP A 42 -22.30 -19.00 27.87
C TRP A 42 -22.85 -19.81 29.05
N SER A 43 -24.06 -19.47 29.48
CA SER A 43 -24.71 -20.19 30.58
C SER A 43 -25.16 -21.59 30.16
N ARG A 44 -25.57 -21.74 28.90
CA ARG A 44 -25.99 -23.05 28.37
C ARG A 44 -24.80 -24.02 28.27
N LEU A 45 -23.67 -23.50 27.79
CA LEU A 45 -22.45 -24.30 27.71
C LEU A 45 -21.95 -24.73 29.09
N GLN A 46 -22.21 -23.90 30.10
CA GLN A 46 -21.90 -24.25 31.49
C GLN A 46 -22.83 -25.34 31.99
N GLU A 47 -24.13 -25.08 31.92
CA GLU A 47 -25.16 -26.00 32.41
C GLU A 47 -25.05 -27.41 31.82
N THR A 48 -24.65 -27.49 30.55
CA THR A 48 -24.46 -28.77 29.87
C THR A 48 -23.11 -29.41 30.17
N GLY A 49 -22.29 -28.74 30.98
CA GLY A 49 -20.97 -29.24 31.34
C GLY A 49 -19.91 -29.08 30.25
N LEU A 50 -20.32 -28.60 29.08
CA LEU A 50 -19.44 -28.50 27.92
C LEU A 50 -18.30 -27.50 28.14
N ARG A 51 -18.57 -26.42 28.87
CA ARG A 51 -17.52 -25.47 29.25
C ARG A 51 -16.41 -26.12 30.08
N GLY A 52 -16.79 -27.03 30.96
CA GLY A 52 -15.84 -27.73 31.83
C GLY A 52 -14.87 -28.65 31.10
N LYS A 53 -15.20 -29.03 29.87
CA LYS A 53 -14.34 -29.86 29.04
C LYS A 53 -13.49 -29.02 28.08
N CYS A 54 -14.03 -27.90 27.62
CA CYS A 54 -13.30 -26.98 26.74
C CYS A 54 -12.33 -26.11 27.54
N GLU A 55 -11.25 -25.68 26.89
CA GLU A 55 -10.32 -24.72 27.47
C GLU A 55 -10.88 -23.33 27.19
N CYS A 56 -10.92 -22.47 28.21
CA CYS A 56 -11.44 -21.11 28.06
C CYS A 56 -10.31 -20.09 27.99
N ILE A 57 -9.97 -19.66 26.78
CA ILE A 57 -8.89 -18.70 26.58
C ILE A 57 -9.29 -17.29 27.01
N ARG A 58 -8.30 -16.41 27.14
CA ARG A 58 -8.50 -15.03 27.53
C ARG A 58 -8.63 -14.16 26.29
N GLY A 59 -9.58 -13.22 26.30
CA GLY A 59 -9.79 -12.31 25.19
C GLY A 59 -9.19 -10.94 25.46
N ARG A 60 -8.84 -10.22 24.39
CA ARG A 60 -8.25 -8.89 24.51
C ARG A 60 -8.92 -7.93 23.54
N LYS A 61 -8.71 -6.63 23.78
CA LYS A 61 -9.19 -5.59 22.85
C LYS A 61 -8.26 -5.53 21.65
N ALA A 62 -8.84 -5.58 20.45
CA ALA A 62 -8.05 -5.50 19.22
C ALA A 62 -7.49 -4.08 19.07
N THR A 63 -6.26 -3.97 18.57
CA THR A 63 -5.62 -2.67 18.39
C THR A 63 -6.16 -2.02 17.12
N LEU A 64 -6.12 -0.68 17.09
CA LEU A 64 -6.52 0.06 15.90
C LEU A 64 -5.66 -0.33 14.70
N GLU A 65 -4.42 -0.71 14.96
CA GLU A 65 -3.51 -1.17 13.91
C GLU A 65 -4.00 -2.46 13.27
N GLU A 66 -4.62 -3.34 14.08
CA GLU A 66 -5.21 -4.59 13.57
C GLU A 66 -6.51 -4.32 12.81
N LEU A 67 -7.39 -3.51 13.40
CA LEU A 67 -8.66 -3.17 12.77
C LEU A 67 -8.51 -2.62 11.36
N GLN A 68 -7.39 -1.95 11.11
CA GLN A 68 -7.12 -1.35 9.80
C GLN A 68 -6.56 -2.32 8.77
N THR A 69 -6.49 -3.60 9.11
CA THR A 69 -6.22 -4.66 8.14
C THR A 69 -7.46 -4.94 7.29
N VAL A 70 -8.61 -4.52 7.77
CA VAL A 70 -9.87 -4.61 7.03
C VAL A 70 -10.46 -3.24 6.72
N HIS A 71 -10.50 -2.36 7.72
CA HIS A 71 -11.22 -1.08 7.61
C HIS A 71 -10.28 0.13 7.46
N SER A 72 -10.87 1.25 7.07
CA SER A 72 -10.15 2.52 6.98
C SER A 72 -9.89 3.07 8.37
N GLU A 73 -8.86 3.91 8.50
CA GLU A 73 -8.51 4.54 9.77
C GLU A 73 -9.65 5.40 10.30
N ALA A 74 -10.22 6.20 9.41
CA ALA A 74 -11.36 7.07 9.76
C ALA A 74 -12.49 6.27 10.40
N HIS A 75 -12.78 5.10 9.83
CA HIS A 75 -13.83 4.22 10.35
C HIS A 75 -13.44 3.62 11.71
N THR A 76 -12.20 3.17 11.83
CA THR A 76 -11.73 2.56 13.08
C THR A 76 -11.69 3.56 14.23
N LEU A 77 -11.25 4.79 13.94
CA LEU A 77 -11.27 5.84 14.95
C LEU A 77 -12.69 6.20 15.38
N LEU A 78 -13.64 6.15 14.43
CA LEU A 78 -15.02 6.53 14.71
C LEU A 78 -15.73 5.55 15.66
N TYR A 79 -15.54 4.25 15.45
CA TYR A 79 -16.20 3.23 16.25
C TYR A 79 -15.23 2.42 17.11
N GLY A 80 -13.97 2.87 17.19
CA GLY A 80 -12.95 2.19 18.00
C GLY A 80 -12.49 2.98 19.21
N THR A 81 -12.59 4.30 19.15
CA THR A 81 -12.19 5.18 20.25
C THR A 81 -13.33 6.15 20.60
N ASN A 82 -13.53 6.40 21.89
CA ASN A 82 -14.61 7.25 22.36
C ASN A 82 -14.17 8.32 23.38
N PRO A 83 -13.82 9.52 22.89
CA PRO A 83 -13.54 10.68 23.73
C PRO A 83 -14.79 11.57 23.85
N LEU A 84 -14.64 12.77 24.43
CA LEU A 84 -15.71 13.77 24.45
C LEU A 84 -15.14 15.18 24.62
N SER A 114 -30.39 4.94 13.45
CA SER A 114 -31.83 4.75 13.28
C SER A 114 -32.33 3.57 14.11
N ASP A 115 -32.01 2.35 13.66
CA ASP A 115 -32.34 1.12 14.38
C ASP A 115 -31.10 0.42 14.96
N THR A 116 -29.92 0.96 14.65
CA THR A 116 -28.65 0.45 15.16
C THR A 116 -28.18 1.26 16.38
N ILE A 117 -28.02 0.58 17.51
CA ILE A 117 -27.67 1.23 18.78
C ILE A 117 -26.18 1.55 18.84
N TRP A 118 -25.81 2.38 19.80
CA TRP A 118 -24.39 2.66 20.10
C TRP A 118 -24.22 3.31 21.48
N ASN A 119 -23.79 2.51 22.45
CA ASN A 119 -23.48 3.01 23.79
C ASN A 119 -22.21 3.86 23.76
N GLU A 120 -22.31 5.12 24.18
CA GLU A 120 -21.20 6.06 24.05
C GLU A 120 -20.03 5.78 25.00
N VAL A 121 -20.29 4.99 26.05
CA VAL A 121 -19.25 4.67 27.04
C VAL A 121 -18.53 3.35 26.73
N HIS A 122 -19.28 2.32 26.35
CA HIS A 122 -18.75 0.94 26.30
C HIS A 122 -18.72 0.27 24.92
N SER A 123 -19.37 0.86 23.91
CA SER A 123 -19.49 0.20 22.59
C SER A 123 -18.15 0.06 21.87
N ALA A 124 -17.38 1.14 21.83
CA ALA A 124 -16.07 1.12 21.19
C ALA A 124 -15.23 -0.05 21.71
N GLY A 125 -15.17 -0.20 23.03
CA GLY A 125 -14.41 -1.27 23.66
C GLY A 125 -14.93 -2.67 23.35
N ALA A 126 -16.26 -2.81 23.31
CA ALA A 126 -16.88 -4.11 23.08
C ALA A 126 -16.66 -4.61 21.66
N ALA A 127 -16.84 -3.71 20.68
CA ALA A 127 -16.63 -4.03 19.27
C ALA A 127 -15.20 -4.49 19.02
N ARG A 128 -14.25 -3.88 19.72
CA ARG A 128 -12.84 -4.23 19.60
C ARG A 128 -12.52 -5.53 20.33
N LEU A 129 -13.23 -5.80 21.42
CA LEU A 129 -13.08 -7.04 22.16
C LEU A 129 -13.61 -8.21 21.35
N ALA A 130 -14.74 -8.02 20.68
CA ALA A 130 -15.30 -9.03 19.78
C ALA A 130 -14.28 -9.44 18.73
N VAL A 131 -13.68 -8.46 18.06
CA VAL A 131 -12.65 -8.72 17.05
C VAL A 131 -11.47 -9.47 17.66
N GLY A 132 -10.95 -8.93 18.76
CA GLY A 132 -9.78 -9.50 19.41
C GLY A 132 -9.98 -10.90 19.97
N CYS A 133 -11.17 -11.15 20.51
CA CYS A 133 -11.53 -12.46 21.05
C CYS A 133 -11.41 -13.55 19.98
N VAL A 134 -11.86 -13.22 18.77
CA VAL A 134 -11.74 -14.13 17.63
C VAL A 134 -10.27 -14.27 17.21
N VAL A 135 -9.57 -13.14 17.11
CA VAL A 135 -8.17 -13.11 16.71
C VAL A 135 -7.32 -14.00 17.61
N GLU A 136 -7.51 -13.87 18.92
CA GLU A 136 -6.76 -14.68 19.89
C GLU A 136 -7.06 -16.17 19.74
N LEU A 137 -8.34 -16.52 19.68
CA LEU A 137 -8.76 -17.91 19.56
C LEU A 137 -8.30 -18.54 18.25
N VAL A 138 -8.47 -17.79 17.16
CA VAL A 138 -8.08 -18.28 15.84
C VAL A 138 -6.58 -18.55 15.77
N PHE A 139 -5.78 -17.64 16.31
CA PHE A 139 -4.32 -17.81 16.34
C PHE A 139 -3.87 -19.00 17.19
N LYS A 140 -4.62 -19.32 18.25
CA LYS A 140 -4.32 -20.49 19.07
C LYS A 140 -4.57 -21.79 18.28
N VAL A 141 -5.74 -21.88 17.64
CA VAL A 141 -6.09 -23.07 16.86
C VAL A 141 -5.18 -23.25 15.63
N ALA A 142 -4.78 -22.15 15.01
CA ALA A 142 -3.91 -22.19 13.83
C ALA A 142 -2.52 -22.73 14.18
N THR A 143 -2.02 -22.40 15.37
CA THR A 143 -0.68 -22.82 15.81
C THR A 143 -0.68 -24.18 16.53
N GLY A 144 -1.66 -25.03 16.23
CA GLY A 144 -1.73 -26.37 16.79
C GLY A 144 -1.74 -26.47 18.31
N GLU A 145 -2.11 -25.37 18.97
CA GLU A 145 -2.18 -25.33 20.43
C GLU A 145 -3.53 -25.89 20.88
N LEU A 146 -4.58 -25.47 20.18
CA LEU A 146 -5.92 -26.02 20.36
C LEU A 146 -6.33 -26.74 19.08
N LYS A 147 -7.22 -27.71 19.21
CA LYS A 147 -7.73 -28.47 18.06
C LYS A 147 -8.69 -27.61 17.24
N ASN A 148 -9.65 -27.02 17.94
CA ASN A 148 -10.66 -26.17 17.31
C ASN A 148 -11.27 -25.24 18.37
N GLY A 149 -12.08 -24.28 17.94
CA GLY A 149 -12.62 -23.28 18.86
C GLY A 149 -13.99 -22.75 18.49
N PHE A 150 -14.56 -21.97 19.42
CA PHE A 150 -15.86 -21.33 19.21
C PHE A 150 -15.88 -19.98 19.94
N ALA A 151 -16.00 -18.90 19.17
CA ALA A 151 -16.10 -17.56 19.73
C ALA A 151 -17.55 -17.21 20.00
N VAL A 152 -17.87 -16.90 21.26
CA VAL A 152 -19.22 -16.50 21.67
C VAL A 152 -19.26 -14.98 21.76
N VAL A 153 -19.02 -14.32 20.64
CA VAL A 153 -18.80 -12.87 20.60
C VAL A 153 -20.00 -12.08 20.09
N ARG A 154 -20.02 -10.80 20.46
CA ARG A 154 -20.94 -9.83 19.87
C ARG A 154 -20.33 -8.44 20.06
N PRO A 155 -20.68 -7.47 19.18
CA PRO A 155 -21.62 -7.55 18.07
C PRO A 155 -21.08 -8.33 16.88
N PRO A 156 -21.95 -8.65 15.89
CA PRO A 156 -21.52 -9.38 14.69
C PRO A 156 -20.64 -8.50 13.79
N GLY A 157 -20.20 -9.12 12.66
CA GLY A 157 -19.20 -8.48 11.80
C GLY A 157 -19.37 -8.57 10.28
N HIS A 158 -19.88 -9.74 9.79
CA HIS A 158 -19.82 -10.02 8.35
C HIS A 158 -20.51 -9.02 7.40
N HIS A 159 -21.41 -8.16 7.96
CA HIS A 159 -22.03 -7.11 7.16
C HIS A 159 -21.14 -5.87 7.01
N ALA A 160 -20.21 -5.69 7.97
CA ALA A 160 -19.41 -4.47 8.09
C ALA A 160 -18.37 -4.35 6.98
N GLU A 161 -18.53 -3.34 6.12
CA GLU A 161 -17.60 -3.06 5.03
C GLU A 161 -16.44 -2.16 5.49
N GLU A 162 -15.64 -1.67 4.55
CA GLU A 162 -14.44 -0.89 4.88
C GLU A 162 -14.75 0.36 5.69
N SER A 163 -15.72 1.13 5.23
CA SER A 163 -16.06 2.41 5.86
C SER A 163 -17.47 2.48 6.43
N THR A 164 -18.27 1.42 6.24
CA THR A 164 -19.70 1.48 6.56
C THR A 164 -20.16 0.32 7.43
N PRO A 165 -20.84 0.63 8.56
CA PRO A 165 -21.47 -0.39 9.38
C PRO A 165 -22.93 -0.61 8.95
N MET A 166 -23.33 -1.87 8.83
CA MET A 166 -24.73 -2.22 8.57
C MET A 166 -25.12 -3.53 9.26
N GLY A 167 -26.47 -3.76 9.40
CA GLY A 167 -26.94 -5.01 9.95
C GLY A 167 -26.35 -5.31 11.33
N PHE A 168 -26.29 -4.23 12.16
CA PHE A 168 -25.83 -4.33 13.55
C PHE A 168 -24.39 -4.84 13.69
N CYS A 169 -23.58 -4.64 12.60
CA CYS A 169 -22.17 -4.94 12.62
C CYS A 169 -21.44 -3.61 12.56
N TYR A 170 -20.20 -3.61 13.14
CA TYR A 170 -19.34 -2.43 13.10
C TYR A 170 -17.98 -2.79 12.51
N PHE A 171 -17.29 -3.72 13.16
CA PHE A 171 -16.03 -4.27 12.66
C PHE A 171 -16.24 -5.73 12.28
N ASN A 172 -15.57 -6.17 11.20
CA ASN A 172 -15.69 -7.53 10.71
C ASN A 172 -14.69 -8.44 11.41
N SER A 173 -15.10 -8.95 12.56
CA SER A 173 -14.25 -9.77 13.43
C SER A 173 -13.64 -10.97 12.72
N VAL A 174 -14.44 -11.68 11.94
CA VAL A 174 -13.95 -12.85 11.20
C VAL A 174 -12.92 -12.44 10.14
N ALA A 175 -13.24 -11.37 9.40
CA ALA A 175 -12.36 -10.89 8.32
C ALA A 175 -11.02 -10.43 8.85
N VAL A 176 -11.02 -9.71 9.97
CA VAL A 176 -9.80 -9.23 10.60
C VAL A 176 -8.91 -10.41 11.00
N ALA A 177 -9.52 -11.44 11.56
CA ALA A 177 -8.79 -12.64 11.98
C ALA A 177 -8.07 -13.32 10.80
N ALA A 178 -8.75 -13.35 9.65
CA ALA A 178 -8.17 -13.93 8.44
C ALA A 178 -6.98 -13.10 7.95
N LYS A 179 -7.18 -11.78 7.87
CA LYS A 179 -6.11 -10.87 7.46
C LYS A 179 -4.87 -11.03 8.33
N LEU A 180 -5.07 -11.11 9.65
CA LEU A 180 -3.96 -11.24 10.58
C LEU A 180 -3.24 -12.57 10.38
N LEU A 181 -4.00 -13.64 10.15
CA LEU A 181 -3.43 -14.94 9.82
C LEU A 181 -2.53 -14.86 8.59
N GLN A 182 -2.92 -14.04 7.62
CA GLN A 182 -2.11 -13.83 6.43
C GLN A 182 -0.83 -13.06 6.76
N GLN A 183 -1.00 -11.96 7.50
CA GLN A 183 0.10 -11.02 7.74
C GLN A 183 1.09 -11.46 8.82
N ARG A 184 0.65 -12.30 9.75
CA ARG A 184 1.46 -12.62 10.92
C ARG A 184 1.75 -14.12 11.13
N LEU A 185 1.08 -15.00 10.40
CA LEU A 185 1.35 -16.44 10.49
C LEU A 185 1.50 -17.11 9.12
N SER A 186 1.67 -16.30 8.06
CA SER A 186 1.85 -16.79 6.69
C SER A 186 1.01 -18.03 6.35
N VAL A 187 -0.30 -17.93 6.56
CA VAL A 187 -1.23 -18.99 6.21
C VAL A 187 -1.59 -18.85 4.73
N SER A 188 -1.33 -19.90 3.95
CA SER A 188 -1.41 -19.82 2.49
C SER A 188 -2.84 -19.79 1.95
N LYS A 189 -3.74 -20.55 2.57
CA LYS A 189 -5.10 -20.73 2.06
C LYS A 189 -6.14 -20.82 3.18
N ILE A 190 -6.98 -19.78 3.30
CA ILE A 190 -8.02 -19.70 4.33
C ILE A 190 -9.41 -19.91 3.73
N LEU A 191 -10.22 -20.72 4.39
CA LEU A 191 -11.60 -20.97 3.97
C LEU A 191 -12.58 -20.33 4.94
N ILE A 192 -13.36 -19.37 4.46
CA ILE A 192 -14.42 -18.76 5.26
C ILE A 192 -15.78 -19.28 4.82
N VAL A 193 -16.41 -20.09 5.67
CA VAL A 193 -17.79 -20.51 5.45
C VAL A 193 -18.71 -19.62 6.27
N ASP A 194 -19.82 -19.21 5.68
CA ASP A 194 -20.75 -18.29 6.32
C ASP A 194 -22.16 -18.87 6.21
N TRP A 195 -22.57 -19.63 7.23
CA TRP A 195 -23.90 -20.25 7.22
C TRP A 195 -24.97 -19.41 7.94
N ASP A 196 -24.63 -18.11 8.19
CA ASP A 196 -25.65 -17.17 8.64
C ASP A 196 -26.60 -17.03 7.45
N VAL A 197 -27.93 -16.89 7.79
CA VAL A 197 -28.94 -16.88 6.73
C VAL A 197 -28.84 -15.63 5.87
N HIS A 198 -28.15 -14.58 6.39
CA HIS A 198 -27.96 -13.34 5.67
C HIS A 198 -26.53 -13.34 5.09
N HIS A 199 -26.38 -12.66 3.93
CA HIS A 199 -25.12 -12.64 3.18
C HIS A 199 -24.10 -11.75 3.87
N GLY A 200 -22.85 -12.23 3.98
CA GLY A 200 -21.79 -11.46 4.59
C GLY A 200 -21.12 -10.55 3.59
N ASN A 201 -21.82 -9.46 3.24
CA ASN A 201 -21.32 -8.51 2.23
C ASN A 201 -19.95 -7.93 2.56
N GLY A 202 -19.68 -7.72 3.83
CA GLY A 202 -18.42 -7.16 4.29
C GLY A 202 -17.25 -8.08 4.01
N THR A 203 -17.38 -9.35 4.40
CA THR A 203 -16.34 -10.34 4.19
C THR A 203 -16.11 -10.59 2.71
N GLN A 204 -17.20 -10.66 1.93
CA GLN A 204 -17.10 -10.79 0.47
C GLN A 204 -16.26 -9.67 -0.10
N GLN A 205 -16.52 -8.44 0.34
CA GLN A 205 -15.79 -7.26 -0.11
C GLN A 205 -14.31 -7.33 0.26
N ALA A 206 -14.03 -7.71 1.49
CA ALA A 206 -12.66 -7.74 2.02
C ALA A 206 -11.72 -8.67 1.25
N PHE A 207 -12.23 -9.79 0.76
CA PHE A 207 -11.38 -10.81 0.11
C PHE A 207 -11.73 -11.05 -1.37
N TYR A 208 -12.38 -10.09 -2.01
CA TYR A 208 -12.89 -10.27 -3.37
C TYR A 208 -11.76 -10.43 -4.39
N SER A 209 -10.67 -9.70 -4.22
CA SER A 209 -9.50 -9.77 -5.11
C SER A 209 -8.46 -10.80 -4.67
N ASP A 210 -8.77 -11.57 -3.62
CA ASP A 210 -7.79 -12.42 -2.97
C ASP A 210 -8.04 -13.90 -3.29
N PRO A 211 -7.14 -14.55 -4.05
CA PRO A 211 -7.24 -16.00 -4.28
C PRO A 211 -6.76 -16.86 -3.11
N SER A 212 -6.08 -16.25 -2.13
CA SER A 212 -5.60 -16.98 -0.95
C SER A 212 -6.70 -17.17 0.10
N VAL A 213 -7.80 -16.43 -0.04
CA VAL A 213 -8.96 -16.59 0.83
C VAL A 213 -10.21 -16.91 0.01
N LEU A 214 -10.87 -18.02 0.36
CA LEU A 214 -12.08 -18.46 -0.31
C LEU A 214 -13.29 -18.23 0.59
N TYR A 215 -14.15 -17.29 0.18
CA TYR A 215 -15.36 -16.99 0.94
C TYR A 215 -16.55 -17.78 0.39
N MET A 216 -17.10 -18.68 1.21
CA MET A 216 -18.30 -19.44 0.86
C MET A 216 -19.48 -19.00 1.72
N SER A 217 -20.54 -18.52 1.08
CA SER A 217 -21.72 -18.08 1.80
C SER A 217 -22.93 -18.91 1.37
N LEU A 218 -23.54 -19.59 2.34
CA LEU A 218 -24.86 -20.15 2.17
C LEU A 218 -25.82 -19.21 2.87
N HIS A 219 -26.78 -18.67 2.13
CA HIS A 219 -27.68 -17.64 2.66
C HIS A 219 -28.97 -17.53 1.86
N ARG A 220 -30.01 -16.99 2.50
CA ARG A 220 -31.25 -16.67 1.81
C ARG A 220 -31.03 -15.43 0.93
N TYR A 221 -31.29 -15.58 -0.37
CA TYR A 221 -31.04 -14.53 -1.35
C TYR A 221 -32.34 -14.05 -2.01
N ASP A 222 -33.14 -15.00 -2.47
CA ASP A 222 -34.44 -14.74 -3.11
C ASP A 222 -34.32 -13.69 -4.22
N ASP A 223 -33.46 -14.00 -5.19
CA ASP A 223 -33.21 -13.14 -6.36
C ASP A 223 -32.81 -11.70 -5.98
N GLY A 224 -32.13 -11.56 -4.84
CA GLY A 224 -31.65 -10.25 -4.37
C GLY A 224 -32.72 -9.39 -3.72
N ASN A 225 -33.77 -10.02 -3.19
CA ASN A 225 -34.89 -9.30 -2.58
C ASN A 225 -35.07 -9.69 -1.11
N PHE A 226 -33.94 -9.90 -0.44
CA PHE A 226 -33.91 -10.18 0.99
C PHE A 226 -32.86 -9.24 1.59
N PHE A 227 -32.56 -9.38 2.92
CA PHE A 227 -31.48 -8.62 3.51
C PHE A 227 -30.17 -9.40 3.36
N PRO A 228 -29.05 -8.69 3.06
CA PRO A 228 -28.93 -7.28 2.72
C PRO A 228 -29.35 -6.96 1.30
N GLY A 229 -29.43 -7.98 0.45
CA GLY A 229 -29.82 -7.81 -0.96
C GLY A 229 -28.71 -8.18 -1.93
N SER A 230 -27.48 -8.21 -1.44
CA SER A 230 -26.33 -8.59 -2.25
C SER A 230 -26.08 -10.09 -2.12
N GLY A 231 -25.05 -10.56 -2.82
CA GLY A 231 -24.64 -11.96 -2.74
C GLY A 231 -25.25 -12.81 -3.84
N ALA A 232 -25.29 -12.30 -5.06
CA ALA A 232 -25.74 -13.06 -6.22
C ALA A 232 -24.71 -14.14 -6.57
N PRO A 233 -25.18 -15.32 -7.03
CA PRO A 233 -24.28 -16.41 -7.40
C PRO A 233 -23.15 -16.03 -8.37
N ASP A 234 -23.47 -15.19 -9.37
CA ASP A 234 -22.51 -14.82 -10.41
C ASP A 234 -21.42 -13.84 -9.96
N GLU A 235 -21.60 -13.23 -8.79
CA GLU A 235 -20.51 -12.48 -8.14
C GLU A 235 -19.46 -13.50 -7.70
N VAL A 236 -18.43 -13.68 -8.52
CA VAL A 236 -17.47 -14.77 -8.34
C VAL A 236 -16.05 -14.30 -7.98
N GLY A 237 -15.92 -13.02 -7.64
CA GLY A 237 -14.62 -12.42 -7.36
C GLY A 237 -14.11 -11.63 -8.54
N THR A 238 -12.92 -11.05 -8.39
CA THR A 238 -12.36 -10.18 -9.41
C THR A 238 -10.84 -10.32 -9.49
N GLY A 239 -10.27 -9.92 -10.62
CA GLY A 239 -8.81 -9.95 -10.80
C GLY A 239 -8.21 -11.31 -10.46
N PRO A 240 -7.14 -11.32 -9.64
CA PRO A 240 -6.50 -12.57 -9.20
C PRO A 240 -7.46 -13.53 -8.48
N GLY A 241 -8.47 -12.99 -7.80
CA GLY A 241 -9.41 -13.80 -7.02
C GLY A 241 -10.68 -14.20 -7.74
N VAL A 242 -10.66 -14.20 -9.07
CA VAL A 242 -11.80 -14.67 -9.86
C VAL A 242 -11.95 -16.17 -9.66
N GLY A 243 -13.11 -16.57 -9.12
CA GLY A 243 -13.43 -17.97 -8.88
C GLY A 243 -13.44 -18.36 -7.42
N PHE A 244 -12.85 -17.52 -6.57
CA PHE A 244 -12.71 -17.83 -5.15
C PHE A 244 -13.77 -17.16 -4.26
N ASN A 245 -14.83 -16.65 -4.86
CA ASN A 245 -16.01 -16.18 -4.13
C ASN A 245 -17.24 -16.98 -4.58
N VAL A 246 -17.74 -17.84 -3.70
CA VAL A 246 -18.89 -18.68 -4.01
C VAL A 246 -20.11 -18.26 -3.19
N ASN A 247 -21.18 -17.84 -3.88
CA ASN A 247 -22.44 -17.51 -3.22
C ASN A 247 -23.50 -18.59 -3.46
N MET A 248 -23.66 -19.47 -2.46
CA MET A 248 -24.74 -20.44 -2.46
C MET A 248 -26.03 -19.71 -2.08
N ALA A 249 -26.64 -19.07 -3.08
CA ALA A 249 -27.81 -18.22 -2.87
C ALA A 249 -29.09 -18.98 -3.14
N PHE A 250 -29.88 -19.19 -2.09
CA PHE A 250 -31.18 -19.84 -2.24
C PHE A 250 -32.23 -18.85 -2.76
N THR A 251 -32.89 -19.24 -3.85
CA THR A 251 -33.90 -18.41 -4.50
C THR A 251 -35.17 -19.21 -4.72
N GLY A 252 -36.31 -18.54 -4.64
CA GLY A 252 -37.63 -19.21 -4.71
C GLY A 252 -38.49 -18.86 -3.51
N GLY A 253 -37.86 -18.42 -2.42
CA GLY A 253 -38.56 -17.94 -1.24
C GLY A 253 -38.89 -19.03 -0.24
N LEU A 254 -39.96 -18.81 0.52
CA LEU A 254 -40.41 -19.76 1.54
C LEU A 254 -41.56 -20.59 1.01
N ASP A 255 -41.41 -21.12 -0.22
CA ASP A 255 -42.47 -21.83 -0.91
C ASP A 255 -41.93 -23.09 -1.63
N PRO A 256 -41.54 -24.12 -0.85
CA PRO A 256 -41.54 -24.21 0.61
C PRO A 256 -40.29 -23.62 1.26
N PRO A 257 -40.30 -23.44 2.59
CA PRO A 257 -39.12 -22.99 3.31
C PRO A 257 -37.97 -24.00 3.30
N MET A 258 -36.74 -23.50 3.39
CA MET A 258 -35.55 -24.36 3.34
C MET A 258 -35.33 -25.01 4.70
N GLY A 259 -34.69 -26.19 4.69
CA GLY A 259 -34.47 -26.95 5.91
C GLY A 259 -33.20 -27.79 5.91
N ASP A 260 -33.17 -28.77 6.80
CA ASP A 260 -31.98 -29.61 7.03
C ASP A 260 -31.52 -30.33 5.76
N ALA A 261 -32.47 -30.83 4.98
CA ALA A 261 -32.15 -31.60 3.78
C ALA A 261 -31.57 -30.73 2.66
N GLU A 262 -32.03 -29.47 2.59
CA GLU A 262 -31.62 -28.56 1.52
C GLU A 262 -30.22 -28.02 1.77
N TYR A 263 -29.92 -27.70 3.04
CA TYR A 263 -28.58 -27.24 3.43
C TYR A 263 -27.56 -28.38 3.35
N LEU A 264 -27.99 -29.60 3.70
CA LEU A 264 -27.15 -30.80 3.60
C LEU A 264 -26.84 -31.13 2.14
N ALA A 265 -27.81 -30.93 1.26
CA ALA A 265 -27.59 -31.09 -0.17
C ALA A 265 -26.60 -30.05 -0.68
N ALA A 266 -26.71 -28.84 -0.15
CA ALA A 266 -25.80 -27.74 -0.47
C ALA A 266 -24.36 -28.10 -0.13
N PHE A 267 -24.15 -28.52 1.12
CA PHE A 267 -22.82 -28.97 1.56
C PHE A 267 -22.30 -30.12 0.71
N ARG A 268 -23.18 -31.08 0.42
CA ARG A 268 -22.80 -32.32 -0.25
C ARG A 268 -22.39 -32.10 -1.70
N THR A 269 -23.13 -31.26 -2.41
CA THR A 269 -22.89 -31.05 -3.84
C THR A 269 -22.12 -29.78 -4.20
N VAL A 270 -22.04 -28.81 -3.28
CA VAL A 270 -21.41 -27.52 -3.58
C VAL A 270 -20.26 -27.15 -2.63
N VAL A 271 -20.53 -27.04 -1.35
CA VAL A 271 -19.54 -26.54 -0.39
C VAL A 271 -18.33 -27.49 -0.26
N MET A 272 -18.57 -28.69 0.25
CA MET A 272 -17.49 -29.64 0.53
C MET A 272 -16.69 -30.05 -0.70
N PRO A 273 -17.37 -30.24 -1.85
CA PRO A 273 -16.61 -30.47 -3.09
C PRO A 273 -15.59 -29.36 -3.40
N ILE A 274 -16.04 -28.10 -3.38
CA ILE A 274 -15.16 -26.98 -3.69
C ILE A 274 -14.16 -26.72 -2.55
N ALA A 275 -14.59 -26.97 -1.31
CA ALA A 275 -13.74 -26.79 -0.14
C ALA A 275 -12.59 -27.81 -0.11
N SER A 276 -12.91 -29.07 -0.43
CA SER A 276 -11.90 -30.12 -0.49
C SER A 276 -10.89 -29.86 -1.60
N GLU A 277 -11.36 -29.30 -2.73
CA GLU A 277 -10.49 -28.97 -3.86
C GLU A 277 -9.56 -27.80 -3.54
N PHE A 278 -10.06 -26.83 -2.78
CA PHE A 278 -9.27 -25.69 -2.34
C PHE A 278 -8.17 -26.15 -1.38
N ALA A 279 -8.53 -27.00 -0.42
CA ALA A 279 -7.59 -27.60 0.54
C ALA A 279 -6.96 -26.53 1.44
N PRO A 280 -7.78 -25.93 2.33
CA PRO A 280 -7.33 -24.82 3.18
C PRO A 280 -6.48 -25.24 4.38
N ASP A 281 -5.60 -24.35 4.82
CA ASP A 281 -4.74 -24.58 5.98
C ASP A 281 -5.50 -24.24 7.27
N VAL A 282 -6.48 -23.35 7.15
CA VAL A 282 -7.34 -22.97 8.28
C VAL A 282 -8.78 -22.81 7.78
N VAL A 283 -9.74 -23.03 8.67
CA VAL A 283 -11.14 -22.85 8.37
C VAL A 283 -11.78 -21.92 9.39
N LEU A 284 -12.42 -20.86 8.91
CA LEU A 284 -13.15 -19.94 9.76
C LEU A 284 -14.63 -20.03 9.37
N VAL A 285 -15.51 -19.90 10.36
CA VAL A 285 -16.95 -19.98 10.11
C VAL A 285 -17.67 -18.78 10.72
N SER A 286 -18.27 -17.96 9.85
CA SER A 286 -19.18 -16.91 10.28
C SER A 286 -20.49 -17.59 10.69
N SER A 287 -20.52 -18.06 11.94
CA SER A 287 -21.57 -18.95 12.41
C SER A 287 -22.82 -18.21 12.90
N GLY A 288 -23.73 -17.89 11.94
CA GLY A 288 -25.01 -17.35 12.30
C GLY A 288 -26.04 -18.45 12.38
N PHE A 289 -26.79 -18.47 13.52
CA PHE A 289 -27.83 -19.47 13.74
C PHE A 289 -29.24 -18.92 13.47
N ASP A 290 -29.32 -17.83 12.67
CA ASP A 290 -30.60 -17.21 12.35
C ASP A 290 -31.41 -18.03 11.34
N ALA A 291 -30.71 -19.01 10.69
CA ALA A 291 -31.37 -19.94 9.77
C ALA A 291 -32.19 -21.02 10.50
N VAL A 292 -32.00 -21.15 11.81
CA VAL A 292 -32.70 -22.15 12.61
C VAL A 292 -34.19 -21.82 12.75
N GLU A 293 -35.01 -22.86 12.95
CA GLU A 293 -36.44 -22.73 13.26
C GLU A 293 -36.74 -21.57 14.23
N GLY A 294 -37.87 -20.92 14.02
CA GLY A 294 -38.34 -19.87 14.94
C GLY A 294 -37.71 -18.51 14.70
N HIS A 295 -37.48 -18.18 13.43
CA HIS A 295 -36.97 -16.87 13.03
C HIS A 295 -37.91 -16.28 11.96
N PRO A 296 -38.74 -15.29 12.35
CA PRO A 296 -39.65 -14.57 11.45
C PRO A 296 -39.04 -14.06 10.14
N THR A 297 -39.90 -13.74 9.18
CA THR A 297 -39.53 -13.64 7.76
C THR A 297 -38.63 -12.47 7.30
N PRO A 298 -38.28 -11.48 8.17
CA PRO A 298 -37.13 -10.63 7.89
C PRO A 298 -35.79 -11.11 8.46
N LEU A 299 -35.86 -11.75 9.68
CA LEU A 299 -34.68 -12.16 10.43
C LEU A 299 -34.22 -13.58 10.07
N GLY A 300 -35.02 -14.28 9.21
CA GLY A 300 -34.70 -15.64 8.81
C GLY A 300 -35.76 -16.23 7.90
N GLY A 301 -36.58 -17.11 8.46
CA GLY A 301 -37.70 -17.72 7.74
C GLY A 301 -37.45 -19.13 7.25
N TYR A 302 -36.38 -19.75 7.76
CA TYR A 302 -35.98 -21.10 7.36
C TYR A 302 -36.30 -22.08 8.47
N ASN A 303 -36.40 -23.36 8.10
CA ASN A 303 -36.75 -24.42 9.04
C ASN A 303 -35.61 -25.42 9.22
N LEU A 304 -34.42 -24.92 9.52
CA LEU A 304 -33.30 -25.77 9.91
C LEU A 304 -33.43 -26.18 11.37
N SER A 305 -32.70 -27.22 11.75
CA SER A 305 -32.64 -27.69 13.14
C SER A 305 -31.27 -27.34 13.74
N ALA A 306 -31.22 -27.29 15.06
CA ALA A 306 -29.95 -27.05 15.76
C ALA A 306 -28.97 -28.20 15.50
N ARG A 307 -29.49 -29.43 15.49
CA ARG A 307 -28.68 -30.63 15.25
C ARG A 307 -27.95 -30.59 13.91
N CYS A 308 -28.59 -30.00 12.90
CA CYS A 308 -28.03 -29.97 11.55
C CYS A 308 -26.71 -29.22 11.49
N PHE A 309 -26.60 -28.15 12.28
CA PHE A 309 -25.36 -27.38 12.37
C PHE A 309 -24.23 -28.19 13.01
N GLY A 310 -24.58 -29.20 13.80
CA GLY A 310 -23.60 -30.15 14.33
C GLY A 310 -22.99 -31.02 13.23
N TYR A 311 -23.84 -31.47 12.30
CA TYR A 311 -23.37 -32.29 11.18
C TYR A 311 -22.58 -31.46 10.16
N LEU A 312 -22.94 -30.19 10.03
CA LEU A 312 -22.21 -29.27 9.14
C LEU A 312 -20.83 -28.96 9.73
N THR A 313 -20.79 -28.66 11.01
CA THR A 313 -19.53 -28.48 11.75
C THR A 313 -18.65 -29.73 11.66
N LYS A 314 -19.29 -30.90 11.72
CA LYS A 314 -18.58 -32.18 11.60
C LYS A 314 -18.00 -32.38 10.20
N GLN A 315 -18.77 -32.03 9.17
CA GLN A 315 -18.29 -32.13 7.79
C GLN A 315 -17.12 -31.19 7.53
N LEU A 316 -17.15 -30.01 8.14
CA LEU A 316 -16.07 -29.02 7.99
C LEU A 316 -14.82 -29.39 8.77
N MET A 317 -14.97 -30.07 9.89
CA MET A 317 -13.83 -30.53 10.70
C MET A 317 -12.85 -31.40 9.90
N GLY A 318 -13.35 -32.12 8.91
CA GLY A 318 -12.50 -32.92 8.03
C GLY A 318 -11.47 -32.12 7.24
N LEU A 319 -11.79 -30.85 6.97
CA LEU A 319 -10.89 -29.96 6.25
C LEU A 319 -9.82 -29.36 7.17
N ALA A 320 -8.69 -28.99 6.58
CA ALA A 320 -7.59 -28.31 7.28
C ALA A 320 -7.05 -29.08 8.49
N GLY A 321 -7.14 -30.41 8.45
CA GLY A 321 -6.68 -31.26 9.54
C GLY A 321 -7.33 -30.93 10.88
N GLY A 322 -8.61 -30.58 10.85
CA GLY A 322 -9.36 -30.28 12.08
C GLY A 322 -9.31 -28.83 12.54
N ARG A 323 -8.40 -28.04 11.98
CA ARG A 323 -8.21 -26.65 12.42
C ARG A 323 -9.35 -25.74 11.96
N ILE A 324 -10.42 -25.72 12.75
CA ILE A 324 -11.61 -24.94 12.45
C ILE A 324 -12.00 -24.10 13.66
N VAL A 325 -12.51 -22.90 13.41
CA VAL A 325 -12.98 -22.01 14.48
C VAL A 325 -14.28 -21.31 14.06
N LEU A 326 -15.29 -21.38 14.92
CA LEU A 326 -16.61 -20.81 14.64
C LEU A 326 -16.81 -19.49 15.37
N ALA A 327 -17.20 -18.45 14.64
CA ALA A 327 -17.47 -17.13 15.21
C ALA A 327 -18.97 -16.85 15.16
N LEU A 328 -19.52 -16.35 16.26
CA LEU A 328 -20.96 -16.05 16.32
C LEU A 328 -21.29 -14.80 15.50
N GLU A 329 -22.29 -14.94 14.58
CA GLU A 329 -22.78 -13.81 13.80
C GLU A 329 -24.19 -13.47 14.28
N GLY A 330 -25.24 -13.96 13.53
CA GLY A 330 -26.61 -13.69 13.88
C GLY A 330 -27.33 -14.82 14.59
N GLY A 331 -28.65 -14.53 14.88
CA GLY A 331 -29.51 -15.48 15.57
C GLY A 331 -30.14 -14.82 16.78
N HIS A 332 -31.41 -14.35 16.56
CA HIS A 332 -32.11 -13.55 17.57
C HIS A 332 -32.73 -14.45 18.64
N ASP A 333 -33.51 -15.46 18.17
CA ASP A 333 -34.22 -16.39 19.06
C ASP A 333 -33.22 -17.09 19.98
N LEU A 334 -33.41 -16.95 21.29
CA LEU A 334 -32.42 -17.42 22.27
C LEU A 334 -32.33 -18.94 22.39
N THR A 335 -33.48 -19.62 22.39
CA THR A 335 -33.50 -21.09 22.50
C THR A 335 -32.91 -21.76 21.24
N ALA A 336 -33.08 -21.12 20.08
CA ALA A 336 -32.55 -21.65 18.83
C ALA A 336 -31.03 -21.56 18.77
N ILE A 337 -30.48 -20.43 19.20
CA ILE A 337 -29.03 -20.23 19.20
C ILE A 337 -28.32 -20.98 20.33
N CYS A 338 -29.01 -21.13 21.47
CA CYS A 338 -28.48 -21.90 22.60
C CYS A 338 -28.42 -23.40 22.28
N ASP A 339 -29.44 -23.88 21.54
CA ASP A 339 -29.45 -25.26 21.07
C ASP A 339 -28.36 -25.47 20.01
N ALA A 340 -28.34 -24.58 19.02
CA ALA A 340 -27.37 -24.67 17.92
C ALA A 340 -25.93 -24.59 18.41
N SER A 341 -25.67 -23.76 19.42
CA SER A 341 -24.35 -23.63 20.01
C SER A 341 -23.93 -24.91 20.75
N GLU A 342 -24.89 -25.50 21.48
CA GLU A 342 -24.65 -26.76 22.19
C GLU A 342 -24.28 -27.87 21.21
N ALA A 343 -24.94 -27.92 20.06
CA ALA A 343 -24.69 -28.93 19.05
C ALA A 343 -23.31 -28.77 18.41
N CYS A 344 -22.93 -27.52 18.11
CA CYS A 344 -21.66 -27.23 17.44
C CYS A 344 -20.47 -27.52 18.34
N VAL A 345 -20.53 -27.08 19.59
CA VAL A 345 -19.44 -27.28 20.55
C VAL A 345 -19.21 -28.76 20.83
N SER A 346 -20.30 -29.54 20.91
CA SER A 346 -20.19 -30.98 21.10
C SER A 346 -19.59 -31.67 19.88
N ALA A 347 -19.92 -31.16 18.69
CA ALA A 347 -19.32 -31.64 17.45
C ALA A 347 -17.81 -31.42 17.46
N LEU A 348 -17.40 -30.23 17.89
CA LEU A 348 -15.97 -29.87 17.97
C LEU A 348 -15.18 -30.76 18.93
N LEU A 349 -15.84 -31.22 20.00
CA LEU A 349 -15.23 -32.16 20.94
C LEU A 349 -15.09 -33.56 20.34
N GLY A 350 -15.99 -33.91 19.42
CA GLY A 350 -15.96 -35.21 18.74
C GLY A 350 -17.06 -36.15 19.20
N ASN A 351 -18.21 -35.58 19.56
CA ASN A 351 -19.40 -36.35 19.93
C ASN A 351 -20.45 -36.29 18.82
N GLU A 352 -21.57 -36.97 19.00
CA GLU A 352 -22.55 -37.15 17.91
C GLU A 352 -23.96 -36.65 18.24
N LEU A 353 -24.78 -36.50 17.19
CA LEU A 353 -26.16 -36.00 17.28
C LEU A 353 -26.42 -35.07 18.48
N LEU A 361 -34.01 -36.81 7.64
CA LEU A 361 -32.79 -37.62 7.73
C LEU A 361 -32.10 -37.72 6.37
N GLN A 362 -32.84 -38.17 5.36
CA GLN A 362 -32.32 -38.31 3.99
C GLN A 362 -33.22 -37.62 2.96
N GLN A 363 -34.03 -36.67 3.40
CA GLN A 363 -35.04 -36.04 2.54
C GLN A 363 -34.41 -35.39 1.30
N ARG A 364 -35.15 -35.39 0.20
CA ARG A 364 -34.72 -34.73 -1.03
C ARG A 364 -34.76 -33.21 -0.88
N PRO A 365 -33.85 -32.50 -1.57
CA PRO A 365 -33.95 -31.05 -1.63
C PRO A 365 -35.13 -30.63 -2.48
N ASN A 366 -35.81 -29.55 -2.09
CA ASN A 366 -36.96 -29.07 -2.86
C ASN A 366 -36.56 -28.52 -4.23
N ALA A 367 -37.53 -28.38 -5.12
CA ALA A 367 -37.29 -27.91 -6.49
C ALA A 367 -36.51 -26.60 -6.53
N ASN A 368 -36.82 -25.68 -5.61
CA ASN A 368 -36.15 -24.38 -5.54
C ASN A 368 -34.69 -24.47 -5.11
N ALA A 369 -34.38 -25.43 -4.24
CA ALA A 369 -33.00 -25.67 -3.81
C ALA A 369 -32.18 -26.25 -4.96
N VAL A 370 -32.74 -27.25 -5.65
CA VAL A 370 -32.12 -27.83 -6.83
C VAL A 370 -31.87 -26.76 -7.88
N ARG A 371 -32.87 -25.93 -8.12
CA ARG A 371 -32.79 -24.84 -9.09
C ARG A 371 -31.72 -23.83 -8.70
N SER A 372 -31.63 -23.55 -7.40
CA SER A 372 -30.62 -22.64 -6.85
C SER A 372 -29.22 -23.23 -6.93
N MET A 373 -29.09 -24.49 -6.52
CA MET A 373 -27.80 -25.19 -6.55
C MET A 373 -27.29 -25.33 -7.99
N GLU A 374 -28.19 -25.66 -8.91
CA GLU A 374 -27.84 -25.82 -10.32
C GLU A 374 -27.37 -24.52 -10.98
N LYS A 375 -27.82 -23.38 -10.44
CA LYS A 375 -27.38 -22.08 -10.94
C LYS A 375 -25.97 -21.71 -10.47
N VAL A 376 -25.57 -22.23 -9.32
CA VAL A 376 -24.23 -21.97 -8.78
C VAL A 376 -23.19 -22.85 -9.47
N MET A 377 -23.50 -24.14 -9.58
CA MET A 377 -22.60 -25.12 -10.20
C MET A 377 -22.29 -24.76 -11.65
N GLU A 378 -23.30 -24.32 -12.39
CA GLU A 378 -23.12 -24.00 -13.81
C GLU A 378 -22.24 -22.76 -13.99
N ILE A 379 -22.32 -21.81 -13.06
CA ILE A 379 -21.43 -20.64 -13.07
C ILE A 379 -20.03 -21.02 -12.61
N HIS A 380 -19.96 -21.81 -11.54
CA HIS A 380 -18.68 -22.22 -10.96
C HIS A 380 -18.06 -23.48 -11.59
N SER A 381 -18.71 -24.00 -12.63
CA SER A 381 -18.12 -25.05 -13.47
C SER A 381 -16.88 -24.52 -14.20
N LYS A 382 -16.87 -23.21 -14.45
CA LYS A 382 -15.81 -22.53 -15.18
C LYS A 382 -14.51 -22.39 -14.38
N TYR A 383 -14.57 -22.55 -13.06
CA TYR A 383 -13.41 -22.29 -12.19
C TYR A 383 -12.96 -23.46 -11.29
N TRP A 384 -13.74 -24.54 -11.23
CA TRP A 384 -13.48 -25.64 -10.29
C TRP A 384 -13.61 -27.02 -10.94
N ARG A 385 -12.60 -27.85 -10.78
CA ARG A 385 -12.52 -29.14 -11.49
C ARG A 385 -13.72 -30.04 -11.24
N CYS A 386 -14.07 -30.24 -9.97
CA CYS A 386 -15.18 -31.12 -9.61
C CYS A 386 -16.50 -30.73 -10.30
N LEU A 387 -16.68 -29.43 -10.54
CA LEU A 387 -17.91 -28.93 -11.15
C LEU A 387 -17.82 -28.73 -12.68
N GLN A 388 -16.69 -29.08 -13.29
CA GLN A 388 -16.50 -28.90 -14.74
C GLN A 388 -17.71 -29.24 -15.59
N ARG A 389 -18.30 -30.40 -15.32
CA ARG A 389 -19.34 -30.96 -16.17
C ARG A 389 -20.76 -30.62 -15.73
N HIS A 390 -20.91 -29.64 -14.83
CA HIS A 390 -22.22 -29.13 -14.42
C HIS A 390 -22.49 -27.76 -15.05
N LYS B 5 30.11 15.66 28.79
CA LYS B 5 29.78 14.24 28.42
C LYS B 5 28.64 14.21 27.39
N PRO B 6 28.53 13.08 26.65
CA PRO B 6 27.51 12.98 25.61
C PRO B 6 26.14 12.60 26.16
N ARG B 7 25.12 13.36 25.80
CA ARG B 7 23.76 13.11 26.27
C ARG B 7 23.22 11.79 25.72
N PHE B 8 22.56 11.03 26.58
CA PHE B 8 22.07 9.69 26.25
C PHE B 8 21.02 9.76 25.12
N THR B 9 21.52 9.68 23.88
CA THR B 9 20.67 9.77 22.69
C THR B 9 21.35 9.06 21.51
N THR B 10 20.76 9.19 20.32
CA THR B 10 21.25 8.51 19.13
C THR B 10 22.61 9.06 18.69
N GLY B 11 23.51 8.16 18.29
CA GLY B 11 24.84 8.54 17.81
C GLY B 11 24.98 8.38 16.31
N LEU B 12 25.98 9.04 15.73
CA LEU B 12 26.28 8.94 14.30
C LEU B 12 27.78 8.95 14.07
N VAL B 13 28.25 8.16 13.11
CA VAL B 13 29.67 8.11 12.78
C VAL B 13 29.88 8.29 11.28
N TYR B 14 30.91 9.04 10.93
CA TYR B 14 31.18 9.43 9.55
C TYR B 14 32.57 10.06 9.52
N ASP B 15 33.30 9.84 8.43
CA ASP B 15 34.65 10.40 8.31
C ASP B 15 34.97 10.66 6.84
N THR B 16 35.26 11.91 6.52
CA THR B 16 35.46 12.34 5.13
C THR B 16 36.60 11.62 4.42
N LEU B 17 37.52 11.03 5.19
CA LEU B 17 38.57 10.17 4.63
C LEU B 17 38.03 8.88 4.01
N MET B 18 36.82 8.46 4.38
CA MET B 18 36.18 7.30 3.75
C MET B 18 35.75 7.58 2.32
N LEU B 19 35.55 8.85 1.99
CA LEU B 19 35.27 9.27 0.63
C LEU B 19 36.42 8.90 -0.30
N LYS B 20 37.63 8.87 0.24
CA LYS B 20 38.84 8.69 -0.57
C LYS B 20 39.05 7.26 -1.06
N HIS B 21 38.15 6.35 -0.72
CA HIS B 21 38.06 5.07 -1.41
C HIS B 21 37.28 5.27 -2.71
N GLN B 22 37.97 5.75 -3.74
CA GLN B 22 37.38 6.04 -5.04
C GLN B 22 38.30 5.54 -6.14
N CYS B 23 37.72 5.24 -7.30
CA CYS B 23 38.50 4.98 -8.50
C CYS B 23 39.01 6.32 -9.00
N THR B 24 40.24 6.34 -9.51
CA THR B 24 40.85 7.58 -9.99
C THR B 24 40.11 8.16 -11.21
N CYS B 25 39.40 7.30 -11.95
CA CYS B 25 38.53 7.72 -13.04
C CYS B 25 37.37 8.57 -12.50
N GLY B 26 36.91 8.24 -11.28
CA GLY B 26 35.97 9.08 -10.53
C GLY B 26 34.57 9.14 -11.10
N SER B 27 34.04 7.97 -11.49
CA SER B 27 32.74 7.91 -12.16
C SER B 27 31.70 7.12 -11.34
N SER B 28 30.69 7.83 -10.86
CA SER B 28 29.55 7.20 -10.19
C SER B 28 28.70 6.41 -11.17
N SER B 29 28.72 6.84 -12.44
CA SER B 29 28.02 6.12 -13.51
C SER B 29 28.65 4.75 -13.83
N SER B 30 29.95 4.60 -13.60
CA SER B 30 30.64 3.34 -13.92
C SER B 30 31.05 2.49 -12.71
N HIS B 31 30.80 3.00 -11.51
CA HIS B 31 31.07 2.25 -10.26
C HIS B 31 29.94 2.51 -9.27
N PRO B 32 29.07 1.47 -9.03
CA PRO B 32 27.94 1.67 -8.13
C PRO B 32 28.33 2.04 -6.70
N GLU B 33 29.34 1.30 -6.13
CA GLU B 33 29.79 1.55 -4.77
C GLU B 33 30.81 2.69 -4.82
N HIS B 34 30.26 3.94 -4.84
CA HIS B 34 31.08 5.14 -4.94
C HIS B 34 30.89 6.07 -3.73
N ALA B 35 31.73 7.10 -3.66
CA ALA B 35 31.80 7.99 -2.49
C ALA B 35 30.52 8.81 -2.27
N GLY B 36 29.84 9.14 -3.37
CA GLY B 36 28.59 9.90 -3.30
C GLY B 36 27.50 9.28 -2.43
N ARG B 37 27.62 7.96 -2.16
CA ARG B 37 26.63 7.26 -1.36
C ARG B 37 26.59 7.81 0.08
N ILE B 38 27.77 7.80 0.76
CA ILE B 38 27.85 8.25 2.15
C ILE B 38 27.74 9.77 2.29
N GLN B 39 28.26 10.50 1.30
CA GLN B 39 28.25 11.97 1.33
C GLN B 39 26.83 12.53 1.24
N SER B 40 26.03 11.96 0.33
CA SER B 40 24.64 12.38 0.17
C SER B 40 23.81 12.07 1.41
N ILE B 41 24.01 10.87 1.97
CA ILE B 41 23.37 10.47 3.22
C ILE B 41 23.76 11.40 4.37
N TRP B 42 25.04 11.75 4.44
CA TRP B 42 25.53 12.66 5.47
C TRP B 42 24.93 14.06 5.31
N SER B 43 24.76 14.49 4.06
CA SER B 43 24.20 15.81 3.77
C SER B 43 22.73 15.89 4.14
N ARG B 44 21.96 14.86 3.79
CA ARG B 44 20.53 14.83 4.08
C ARG B 44 20.25 14.91 5.58
N LEU B 45 21.09 14.26 6.38
CA LEU B 45 20.93 14.29 7.84
C LEU B 45 21.20 15.68 8.44
N GLN B 46 21.93 16.53 7.70
CA GLN B 46 22.13 17.92 8.11
C GLN B 46 20.99 18.79 7.59
N GLU B 47 20.71 18.71 6.29
CA GLU B 47 19.66 19.49 5.62
C GLU B 47 18.33 19.50 6.36
N THR B 48 17.95 18.34 6.89
CA THR B 48 16.71 18.20 7.67
C THR B 48 16.96 18.28 9.18
N GLY B 49 18.23 18.35 9.58
CA GLY B 49 18.62 18.70 10.95
C GLY B 49 18.80 17.55 11.94
N LEU B 50 18.71 16.32 11.46
CA LEU B 50 18.81 15.14 12.34
C LEU B 50 20.19 15.02 12.98
N ARG B 51 21.23 15.48 12.28
CA ARG B 51 22.59 15.49 12.84
C ARG B 51 22.69 16.35 14.10
N GLY B 52 21.99 17.48 14.11
CA GLY B 52 21.94 18.36 15.28
C GLY B 52 21.29 17.70 16.49
N LYS B 53 20.25 16.92 16.25
CA LYS B 53 19.51 16.23 17.32
C LYS B 53 20.24 14.98 17.81
N CYS B 54 21.24 14.52 17.04
CA CYS B 54 22.05 13.35 17.41
C CYS B 54 23.44 13.75 17.89
N GLU B 55 24.20 12.77 18.38
CA GLU B 55 25.57 12.98 18.85
C GLU B 55 26.57 12.34 17.89
N CYS B 56 27.30 13.16 17.14
CA CYS B 56 28.23 12.68 16.11
C CYS B 56 29.65 12.52 16.67
N ILE B 57 30.15 11.28 16.64
CA ILE B 57 31.43 10.95 17.26
C ILE B 57 32.52 10.71 16.21
N ARG B 58 33.75 10.49 16.69
CA ARG B 58 34.86 10.02 15.87
C ARG B 58 35.27 8.64 16.37
N GLY B 59 35.87 7.79 15.53
CA GLY B 59 36.26 8.11 14.15
C GLY B 59 37.70 7.68 13.92
N ARG B 60 37.96 6.39 14.04
CA ARG B 60 39.33 5.87 13.98
C ARG B 60 39.47 4.69 13.02
N LYS B 61 40.72 4.36 12.70
CA LYS B 61 41.04 3.24 11.83
C LYS B 61 41.28 1.99 12.68
N ALA B 62 40.65 0.88 12.29
CA ALA B 62 40.76 -0.37 13.03
C ALA B 62 42.19 -0.89 12.96
N THR B 63 42.68 -1.47 14.06
CA THR B 63 44.01 -2.06 14.06
C THR B 63 43.95 -3.39 13.32
N LEU B 64 45.09 -3.84 12.80
CA LEU B 64 45.16 -5.13 12.11
C LEU B 64 44.62 -6.24 13.02
N GLU B 65 45.08 -6.25 14.26
CA GLU B 65 44.64 -7.21 15.28
C GLU B 65 43.11 -7.28 15.42
N GLU B 66 42.44 -6.13 15.31
CA GLU B 66 40.97 -6.07 15.39
C GLU B 66 40.34 -6.69 14.16
N LEU B 67 40.87 -6.38 12.98
CA LEU B 67 40.40 -6.98 11.74
C LEU B 67 40.60 -8.49 11.73
N GLN B 68 41.64 -8.95 12.42
CA GLN B 68 41.97 -10.37 12.46
C GLN B 68 41.08 -11.19 13.40
N THR B 69 40.15 -10.53 14.09
CA THR B 69 39.09 -11.23 14.81
C THR B 69 38.24 -11.99 13.81
N VAL B 70 38.01 -11.37 12.65
CA VAL B 70 37.26 -11.99 11.57
C VAL B 70 38.19 -12.60 10.51
N HIS B 71 39.24 -11.86 10.15
CA HIS B 71 40.04 -12.19 8.95
C HIS B 71 41.42 -12.80 9.21
N SER B 72 41.95 -13.46 8.18
CA SER B 72 43.30 -14.00 8.22
C SER B 72 44.34 -12.89 8.13
N GLU B 73 45.54 -13.16 8.64
CA GLU B 73 46.63 -12.18 8.62
C GLU B 73 46.97 -11.75 7.19
N ALA B 74 47.07 -12.72 6.28
CA ALA B 74 47.44 -12.45 4.89
C ALA B 74 46.43 -11.52 4.21
N HIS B 75 45.15 -11.81 4.38
CA HIS B 75 44.07 -10.97 3.82
C HIS B 75 44.08 -9.58 4.42
N THR B 76 44.21 -9.51 5.75
CA THR B 76 44.24 -8.23 6.45
C THR B 76 45.45 -7.38 6.04
N LEU B 77 46.58 -8.05 5.78
CA LEU B 77 47.79 -7.37 5.30
C LEU B 77 47.62 -6.85 3.88
N LEU B 78 46.96 -7.64 3.03
CA LEU B 78 46.84 -7.32 1.61
C LEU B 78 45.96 -6.10 1.34
N TYR B 79 44.98 -5.87 2.20
CA TYR B 79 44.05 -4.74 2.05
C TYR B 79 44.08 -3.77 3.24
N GLY B 80 44.96 -4.01 4.22
CA GLY B 80 45.06 -3.16 5.41
C GLY B 80 46.29 -2.27 5.37
N THR B 81 47.45 -2.87 5.14
CA THR B 81 48.69 -2.10 4.96
C THR B 81 48.77 -1.56 3.54
N ASN B 82 49.73 -0.68 3.29
CA ASN B 82 49.86 -0.03 2.00
C ASN B 82 51.33 0.22 1.62
N PRO B 83 52.10 -0.86 1.41
CA PRO B 83 53.54 -0.76 1.12
C PRO B 83 53.82 -0.25 -0.29
N SER B 114 38.75 -7.35 -10.83
CA SER B 114 38.56 -6.54 -12.03
C SER B 114 37.23 -5.79 -11.99
N ASP B 115 36.23 -6.42 -11.39
CA ASP B 115 34.92 -5.79 -11.22
C ASP B 115 34.97 -4.80 -10.06
N THR B 116 35.89 -5.02 -9.12
CA THR B 116 35.98 -4.26 -7.87
C THR B 116 37.17 -3.28 -7.86
N ILE B 117 36.88 -2.00 -7.58
CA ILE B 117 37.90 -0.95 -7.54
C ILE B 117 38.80 -1.03 -6.30
N TRP B 118 39.96 -0.38 -6.37
CA TRP B 118 40.91 -0.37 -5.26
C TRP B 118 41.95 0.75 -5.39
N ASN B 119 41.71 1.86 -4.70
CA ASN B 119 42.62 3.00 -4.73
C ASN B 119 43.98 2.66 -4.12
N GLU B 120 45.05 2.97 -4.86
CA GLU B 120 46.40 2.53 -4.53
C GLU B 120 46.95 3.22 -3.28
N VAL B 121 46.36 4.35 -2.92
CA VAL B 121 46.79 5.16 -1.78
C VAL B 121 45.83 5.06 -0.60
N HIS B 122 44.57 5.40 -0.85
CA HIS B 122 43.60 5.71 0.22
C HIS B 122 42.70 4.55 0.65
N SER B 123 42.61 3.48 -0.15
CA SER B 123 41.66 2.41 0.11
C SER B 123 41.92 1.65 1.41
N ALA B 124 43.20 1.37 1.68
CA ALA B 124 43.59 0.69 2.91
C ALA B 124 43.03 1.40 4.13
N GLY B 125 43.22 2.72 4.20
CA GLY B 125 42.71 3.52 5.31
C GLY B 125 41.19 3.57 5.37
N ALA B 126 40.56 3.73 4.20
CA ALA B 126 39.11 3.85 4.12
C ALA B 126 38.42 2.59 4.67
N ALA B 127 38.89 1.42 4.26
CA ALA B 127 38.34 0.15 4.72
C ALA B 127 38.49 -0.01 6.23
N ARG B 128 39.66 0.36 6.75
CA ARG B 128 39.90 0.33 8.20
C ARG B 128 38.99 1.29 8.93
N LEU B 129 38.95 2.54 8.46
CA LEU B 129 38.08 3.56 9.05
C LEU B 129 36.66 3.04 9.24
N ALA B 130 36.13 2.39 8.21
CA ALA B 130 34.78 1.86 8.24
C ALA B 130 34.56 0.91 9.41
N VAL B 131 35.50 -0.02 9.61
CA VAL B 131 35.41 -0.97 10.70
C VAL B 131 35.52 -0.25 12.04
N GLY B 132 36.55 0.58 12.17
CA GLY B 132 36.76 1.36 13.40
C GLY B 132 35.61 2.30 13.72
N CYS B 133 35.01 2.88 12.69
CA CYS B 133 33.84 3.75 12.86
C CYS B 133 32.66 2.98 13.46
N VAL B 134 32.46 1.76 12.96
CA VAL B 134 31.40 0.91 13.48
C VAL B 134 31.74 0.43 14.88
N VAL B 135 32.98 -0.01 15.07
CA VAL B 135 33.43 -0.50 16.38
C VAL B 135 33.26 0.56 17.47
N GLU B 136 33.62 1.80 17.16
CA GLU B 136 33.46 2.91 18.11
C GLU B 136 31.99 3.14 18.47
N LEU B 137 31.14 3.25 17.45
CA LEU B 137 29.71 3.48 17.64
C LEU B 137 29.01 2.31 18.33
N VAL B 138 29.45 1.10 18.01
CA VAL B 138 28.93 -0.12 18.64
C VAL B 138 29.33 -0.23 20.12
N PHE B 139 30.51 0.29 20.45
CA PHE B 139 30.99 0.28 21.84
C PHE B 139 30.30 1.32 22.72
N LYS B 140 30.04 2.51 22.16
CA LYS B 140 29.38 3.58 22.91
C LYS B 140 27.91 3.27 23.23
N VAL B 141 27.23 2.55 22.34
CA VAL B 141 25.84 2.16 22.60
C VAL B 141 25.75 0.98 23.56
N ALA B 142 26.68 0.03 23.43
CA ALA B 142 26.67 -1.21 24.21
C ALA B 142 27.06 -1.00 25.68
N THR B 143 27.99 -0.08 25.92
CA THR B 143 28.38 0.27 27.28
C THR B 143 27.27 1.04 28.00
N GLY B 144 26.53 1.86 27.26
CA GLY B 144 25.48 2.71 27.81
C GLY B 144 25.74 4.20 27.68
N GLU B 145 26.84 4.56 27.03
CA GLU B 145 27.20 5.96 26.80
C GLU B 145 26.27 6.64 25.78
N LEU B 146 25.63 5.84 24.93
CA LEU B 146 24.65 6.35 23.95
C LEU B 146 23.46 5.40 23.83
N LYS B 147 22.33 5.95 23.36
CA LYS B 147 21.06 5.21 23.33
C LYS B 147 21.07 4.16 22.21
N ASN B 148 21.29 4.63 20.98
CA ASN B 148 21.39 3.78 19.80
C ASN B 148 22.29 4.49 18.79
N GLY B 149 22.38 4.00 17.55
CA GLY B 149 23.21 4.67 16.56
C GLY B 149 23.08 4.20 15.12
N PHE B 150 23.51 5.06 14.20
CA PHE B 150 23.53 4.76 12.77
C PHE B 150 24.93 5.06 12.23
N ALA B 151 25.50 4.12 11.47
CA ALA B 151 26.87 4.25 10.96
C ALA B 151 26.86 4.53 9.45
N VAL B 152 27.11 5.78 9.08
CA VAL B 152 27.21 6.18 7.68
C VAL B 152 28.60 5.81 7.18
N VAL B 153 28.72 4.59 6.65
CA VAL B 153 30.02 3.96 6.47
C VAL B 153 30.20 3.30 5.10
N ARG B 154 31.42 3.35 4.58
CA ARG B 154 31.79 2.62 3.36
C ARG B 154 33.30 2.40 3.29
N PRO B 155 33.74 1.33 2.61
CA PRO B 155 32.95 0.34 1.87
C PRO B 155 32.14 -0.60 2.79
N PRO B 156 31.18 -1.34 2.19
CA PRO B 156 30.42 -2.34 2.95
C PRO B 156 31.32 -3.52 3.32
N GLY B 157 30.72 -4.46 4.11
CA GLY B 157 31.50 -5.56 4.67
C GLY B 157 30.87 -6.95 4.70
N HIS B 158 29.51 -7.01 4.61
CA HIS B 158 28.81 -8.27 4.90
C HIS B 158 29.10 -9.45 3.95
N HIS B 159 29.73 -9.16 2.77
CA HIS B 159 30.12 -10.23 1.86
C HIS B 159 31.56 -10.70 2.05
N ALA B 160 32.41 -9.84 2.68
CA ALA B 160 33.81 -10.17 2.93
C ALA B 160 33.94 -11.38 3.85
N GLU B 161 34.77 -12.32 3.45
CA GLU B 161 34.95 -13.58 4.16
C GLU B 161 36.28 -13.61 4.90
N GLU B 162 36.56 -14.71 5.61
CA GLU B 162 37.78 -14.82 6.41
C GLU B 162 39.04 -14.49 5.63
N SER B 163 39.06 -14.81 4.33
CA SER B 163 40.20 -14.50 3.48
C SER B 163 39.82 -14.35 2.00
N THR B 164 38.80 -13.52 1.73
CA THR B 164 38.37 -13.25 0.36
C THR B 164 37.53 -11.98 0.27
N PRO B 165 37.91 -11.04 -0.61
CA PRO B 165 37.06 -9.88 -0.85
C PRO B 165 35.92 -10.27 -1.79
N MET B 166 34.78 -9.61 -1.67
CA MET B 166 33.58 -10.02 -2.39
C MET B 166 32.49 -8.95 -2.34
N GLY B 167 31.71 -8.82 -3.47
CA GLY B 167 30.58 -7.91 -3.52
C GLY B 167 30.89 -6.51 -3.04
N PHE B 168 32.08 -6.00 -3.51
CA PHE B 168 32.59 -4.68 -3.13
C PHE B 168 32.80 -4.53 -1.62
N CYS B 169 33.06 -5.68 -0.93
CA CYS B 169 33.38 -5.70 0.47
C CYS B 169 34.79 -6.24 0.61
N TYR B 170 35.45 -5.79 1.73
CA TYR B 170 36.82 -6.18 2.02
C TYR B 170 36.97 -6.64 3.46
N PHE B 171 36.54 -5.78 4.38
CA PHE B 171 36.50 -6.11 5.80
C PHE B 171 35.06 -6.07 6.29
N ASN B 172 34.65 -7.14 6.99
CA ASN B 172 33.31 -7.22 7.56
C ASN B 172 33.24 -6.38 8.83
N SER B 173 32.77 -5.14 8.67
CA SER B 173 32.71 -4.20 9.78
C SER B 173 31.81 -4.70 10.91
N VAL B 174 30.57 -5.02 10.57
CA VAL B 174 29.59 -5.52 11.54
C VAL B 174 30.09 -6.77 12.28
N ALA B 175 30.78 -7.65 11.57
CA ALA B 175 31.28 -8.90 12.15
C ALA B 175 32.36 -8.63 13.19
N VAL B 176 33.33 -7.77 12.84
CA VAL B 176 34.39 -7.38 13.77
C VAL B 176 33.80 -6.71 15.01
N ALA B 177 32.86 -5.81 14.80
CA ALA B 177 32.17 -5.11 15.89
C ALA B 177 31.59 -6.11 16.88
N ALA B 178 30.95 -7.16 16.36
CA ALA B 178 30.36 -8.20 17.20
C ALA B 178 31.44 -9.02 17.91
N LYS B 179 32.45 -9.47 17.15
CA LYS B 179 33.54 -10.27 17.70
C LYS B 179 34.23 -9.56 18.87
N LEU B 180 34.48 -8.26 18.70
CA LEU B 180 35.17 -7.48 19.73
C LEU B 180 34.29 -7.29 20.97
N LEU B 181 32.99 -7.06 20.77
CA LEU B 181 32.04 -6.97 21.88
C LEU B 181 32.10 -8.21 22.77
N GLN B 182 32.36 -9.37 22.17
CA GLN B 182 32.53 -10.63 22.92
C GLN B 182 33.86 -10.68 23.66
N GLN B 183 34.95 -10.49 22.94
CA GLN B 183 36.29 -10.67 23.50
C GLN B 183 36.74 -9.51 24.39
N ARG B 184 36.06 -8.37 24.27
CA ARG B 184 36.45 -7.16 25.00
C ARG B 184 35.50 -6.79 26.14
N LEU B 185 34.20 -7.02 25.96
CA LEU B 185 33.20 -6.80 27.01
C LEU B 185 32.51 -8.08 27.49
N SER B 186 32.60 -9.16 26.72
CA SER B 186 31.91 -10.42 27.00
C SER B 186 30.39 -10.25 27.04
N VAL B 187 29.82 -9.96 25.88
CA VAL B 187 28.37 -9.87 25.72
C VAL B 187 27.82 -11.26 25.46
N SER B 188 26.84 -11.66 26.26
CA SER B 188 26.32 -13.03 26.23
C SER B 188 25.53 -13.36 24.95
N LYS B 189 24.87 -12.36 24.37
CA LYS B 189 23.97 -12.58 23.23
C LYS B 189 23.96 -11.39 22.28
N ILE B 190 24.19 -11.64 20.99
CA ILE B 190 24.18 -10.59 19.97
C ILE B 190 23.33 -10.97 18.75
N LEU B 191 22.30 -10.17 18.49
CA LEU B 191 21.50 -10.33 17.27
C LEU B 191 22.11 -9.49 16.16
N ILE B 192 22.25 -10.10 14.98
CA ILE B 192 22.68 -9.38 13.80
C ILE B 192 21.59 -9.52 12.74
N VAL B 193 20.82 -8.45 12.52
CA VAL B 193 19.79 -8.42 11.50
C VAL B 193 20.36 -7.79 10.23
N ASP B 194 20.15 -8.45 9.08
CA ASP B 194 20.72 -8.02 7.81
C ASP B 194 19.63 -7.87 6.75
N TRP B 195 19.10 -6.67 6.58
CA TRP B 195 18.03 -6.43 5.61
C TRP B 195 18.50 -5.89 4.25
N ASP B 196 19.84 -6.01 3.98
CA ASP B 196 20.31 -5.76 2.62
C ASP B 196 19.69 -6.89 1.80
N VAL B 197 19.26 -6.55 0.55
CA VAL B 197 18.58 -7.52 -0.30
C VAL B 197 19.49 -8.71 -0.68
N HIS B 198 20.83 -8.49 -0.57
CA HIS B 198 21.78 -9.55 -0.87
C HIS B 198 22.16 -10.26 0.43
N HIS B 199 22.39 -11.60 0.32
CA HIS B 199 22.76 -12.42 1.47
C HIS B 199 24.13 -12.06 2.00
N GLY B 200 24.22 -11.72 3.28
CA GLY B 200 25.49 -11.42 3.92
C GLY B 200 26.23 -12.70 4.25
N ASN B 201 26.78 -13.35 3.22
CA ASN B 201 27.48 -14.63 3.37
C ASN B 201 28.67 -14.56 4.33
N GLY B 202 29.37 -13.42 4.33
CA GLY B 202 30.51 -13.21 5.21
C GLY B 202 30.12 -13.28 6.67
N THR B 203 29.11 -12.50 7.03
CA THR B 203 28.63 -12.45 8.41
C THR B 203 28.14 -13.83 8.85
N GLN B 204 27.46 -14.56 7.97
CA GLN B 204 27.00 -15.92 8.29
C GLN B 204 28.19 -16.83 8.60
N GLN B 205 29.22 -16.76 7.77
CA GLN B 205 30.42 -17.57 7.94
C GLN B 205 31.09 -17.28 9.29
N ALA B 206 31.07 -16.01 9.69
CA ALA B 206 31.77 -15.55 10.90
C ALA B 206 31.15 -16.01 12.22
N PHE B 207 29.86 -16.38 12.19
CA PHE B 207 29.15 -16.80 13.40
C PHE B 207 28.27 -18.03 13.17
N TYR B 208 28.74 -18.94 12.32
CA TYR B 208 27.98 -20.15 12.02
C TYR B 208 28.05 -21.14 13.19
N SER B 209 29.21 -21.16 13.85
CA SER B 209 29.47 -22.11 14.94
C SER B 209 29.02 -21.59 16.31
N ASP B 210 28.69 -20.30 16.39
CA ASP B 210 28.50 -19.62 17.68
C ASP B 210 27.02 -19.48 18.03
N PRO B 211 26.60 -20.08 19.16
CA PRO B 211 25.20 -19.94 19.62
C PRO B 211 24.97 -18.65 20.44
N SER B 212 26.04 -17.95 20.79
CA SER B 212 25.94 -16.66 21.50
C SER B 212 25.76 -15.48 20.51
N VAL B 213 25.65 -15.80 19.23
CA VAL B 213 25.40 -14.80 18.19
C VAL B 213 24.39 -15.34 17.17
N LEU B 214 23.26 -14.65 17.06
CA LEU B 214 22.15 -15.07 16.18
C LEU B 214 22.08 -14.17 14.95
N TYR B 215 22.32 -14.76 13.77
CA TYR B 215 22.31 -14.01 12.52
C TYR B 215 21.00 -14.22 11.76
N MET B 216 20.32 -13.12 11.44
CA MET B 216 19.07 -13.15 10.69
C MET B 216 19.19 -12.32 9.42
N SER B 217 19.06 -12.96 8.27
CA SER B 217 19.16 -12.28 6.98
C SER B 217 17.85 -12.32 6.23
N LEU B 218 17.28 -11.14 5.97
CA LEU B 218 16.23 -10.96 4.97
C LEU B 218 16.92 -10.60 3.68
N HIS B 219 16.82 -11.47 2.68
CA HIS B 219 17.53 -11.26 1.42
C HIS B 219 16.87 -11.98 0.25
N ARG B 220 17.01 -11.40 -0.94
CA ARG B 220 16.58 -12.06 -2.17
C ARG B 220 17.49 -13.25 -2.45
N TYR B 221 16.89 -14.39 -2.78
CA TYR B 221 17.60 -15.66 -2.86
C TYR B 221 17.27 -16.43 -4.14
N ASP B 222 15.97 -16.69 -4.34
CA ASP B 222 15.46 -17.35 -5.54
C ASP B 222 16.14 -18.70 -5.79
N ASP B 223 16.04 -19.61 -4.81
CA ASP B 223 16.68 -20.92 -4.88
C ASP B 223 18.20 -20.84 -5.06
N GLY B 224 18.80 -19.73 -4.64
CA GLY B 224 20.23 -19.51 -4.80
C GLY B 224 20.64 -19.16 -6.22
N ASN B 225 19.74 -18.49 -6.95
CA ASN B 225 20.01 -18.03 -8.30
C ASN B 225 20.02 -16.50 -8.38
N PHE B 226 20.45 -15.87 -7.29
CA PHE B 226 20.67 -14.42 -7.21
C PHE B 226 22.08 -14.21 -6.66
N PHE B 227 22.51 -12.92 -6.54
CA PHE B 227 23.83 -12.65 -5.98
C PHE B 227 23.75 -12.67 -4.44
N PRO B 228 24.74 -13.36 -3.79
CA PRO B 228 25.82 -14.18 -4.34
C PRO B 228 25.46 -15.67 -4.51
N GLY B 229 24.17 -16.00 -4.42
CA GLY B 229 23.70 -17.37 -4.58
C GLY B 229 23.84 -18.22 -3.33
N SER B 230 23.98 -17.55 -2.18
CA SER B 230 24.08 -18.23 -0.90
C SER B 230 22.96 -17.76 0.01
N GLY B 231 22.81 -18.42 1.16
CA GLY B 231 21.79 -18.06 2.14
C GLY B 231 20.50 -18.84 1.98
N ALA B 232 20.61 -20.16 1.87
CA ALA B 232 19.43 -21.04 1.78
C ALA B 232 18.80 -21.22 3.17
N PRO B 233 17.48 -21.44 3.22
CA PRO B 233 16.77 -21.64 4.49
C PRO B 233 17.33 -22.78 5.36
N ASP B 234 17.68 -23.90 4.75
CA ASP B 234 18.15 -25.08 5.48
C ASP B 234 19.57 -24.95 6.03
N GLU B 235 20.27 -23.87 5.66
CA GLU B 235 21.53 -23.51 6.30
C GLU B 235 21.20 -22.92 7.68
N VAL B 236 21.23 -23.76 8.70
CA VAL B 236 20.71 -23.41 10.03
C VAL B 236 21.80 -23.32 11.11
N GLY B 237 23.06 -23.28 10.69
CA GLY B 237 24.19 -23.24 11.63
C GLY B 237 24.84 -24.61 11.80
N THR B 238 25.92 -24.64 12.57
CA THR B 238 26.69 -25.86 12.80
C THR B 238 27.12 -26.00 14.26
N GLY B 239 27.51 -27.22 14.63
CA GLY B 239 28.01 -27.52 15.97
C GLY B 239 27.05 -27.09 17.07
N PRO B 240 27.57 -26.50 18.16
CA PRO B 240 26.68 -25.97 19.20
C PRO B 240 25.79 -24.79 18.74
N GLY B 241 26.12 -24.19 17.61
CA GLY B 241 25.35 -23.07 17.06
C GLY B 241 24.21 -23.47 16.13
N VAL B 242 23.91 -24.76 16.05
CA VAL B 242 22.79 -25.25 15.24
C VAL B 242 21.49 -24.63 15.74
N GLY B 243 20.76 -23.99 14.82
CA GLY B 243 19.52 -23.29 15.14
C GLY B 243 19.69 -21.77 15.14
N PHE B 244 20.91 -21.29 15.35
CA PHE B 244 21.16 -19.86 15.51
C PHE B 244 21.61 -19.14 14.23
N ASN B 245 21.33 -19.74 13.07
CA ASN B 245 21.46 -19.05 11.79
C ASN B 245 20.16 -19.13 10.99
N VAL B 246 19.52 -17.97 10.80
CA VAL B 246 18.21 -17.91 10.17
C VAL B 246 18.28 -17.15 8.83
N ASN B 247 18.11 -17.87 7.73
CA ASN B 247 18.07 -17.27 6.40
C ASN B 247 16.64 -17.13 5.90
N MET B 248 16.11 -15.91 6.01
CA MET B 248 14.80 -15.58 5.48
C MET B 248 14.94 -15.36 3.97
N ALA B 249 15.02 -16.47 3.25
CA ALA B 249 15.33 -16.45 1.83
C ALA B 249 14.06 -16.32 1.01
N PHE B 250 13.92 -15.19 0.32
CA PHE B 250 12.79 -14.97 -0.58
C PHE B 250 13.04 -15.71 -1.91
N THR B 251 12.06 -16.53 -2.30
CA THR B 251 12.11 -17.28 -3.55
C THR B 251 10.83 -17.01 -4.33
N GLY B 252 10.92 -17.04 -5.65
CA GLY B 252 9.80 -16.71 -6.53
C GLY B 252 10.11 -15.55 -7.46
N GLY B 253 11.18 -14.83 -7.18
CA GLY B 253 11.67 -13.78 -8.06
C GLY B 253 10.85 -12.51 -7.94
N LEU B 254 10.61 -11.88 -9.09
CA LEU B 254 9.88 -10.61 -9.17
C LEU B 254 8.50 -10.83 -9.80
N ASP B 255 7.79 -11.85 -9.30
CA ASP B 255 6.51 -12.28 -9.86
C ASP B 255 5.47 -12.50 -8.75
N PRO B 256 5.02 -11.41 -8.09
CA PRO B 256 5.46 -10.03 -8.26
C PRO B 256 6.63 -9.67 -7.34
N PRO B 257 7.23 -8.48 -7.56
CA PRO B 257 8.29 -7.98 -6.67
C PRO B 257 7.85 -7.85 -5.22
N MET B 258 8.79 -8.06 -4.30
CA MET B 258 8.52 -7.96 -2.86
C MET B 258 8.41 -6.49 -2.46
N GLY B 259 7.51 -6.20 -1.53
CA GLY B 259 7.27 -4.85 -1.07
C GLY B 259 7.15 -4.75 0.44
N ASP B 260 6.54 -3.66 0.90
CA ASP B 260 6.37 -3.41 2.33
C ASP B 260 5.48 -4.47 2.97
N ALA B 261 4.39 -4.81 2.30
CA ALA B 261 3.46 -5.83 2.80
C ALA B 261 4.16 -7.16 3.08
N GLU B 262 5.19 -7.47 2.29
CA GLU B 262 5.92 -8.72 2.42
C GLU B 262 6.99 -8.64 3.52
N TYR B 263 7.75 -7.55 3.55
CA TYR B 263 8.81 -7.35 4.55
C TYR B 263 8.26 -7.14 5.96
N LEU B 264 7.20 -6.34 6.07
CA LEU B 264 6.49 -6.17 7.35
C LEU B 264 5.95 -7.52 7.85
N ALA B 265 5.42 -8.31 6.92
CA ALA B 265 4.88 -9.63 7.24
C ALA B 265 5.98 -10.59 7.68
N ALA B 266 7.16 -10.45 7.10
CA ALA B 266 8.33 -11.24 7.48
C ALA B 266 8.80 -10.94 8.90
N PHE B 267 8.79 -9.67 9.26
CA PHE B 267 9.23 -9.24 10.59
C PHE B 267 8.34 -9.81 11.70
N ARG B 268 7.03 -9.72 11.51
CA ARG B 268 6.07 -10.16 12.53
C ARG B 268 6.02 -11.68 12.66
N THR B 269 6.13 -12.38 11.52
CA THR B 269 5.91 -13.82 11.45
C THR B 269 7.14 -14.64 11.81
N VAL B 270 8.31 -14.19 11.39
CA VAL B 270 9.55 -14.97 11.51
C VAL B 270 10.62 -14.29 12.36
N VAL B 271 10.94 -13.03 12.05
CA VAL B 271 12.08 -12.35 12.67
C VAL B 271 11.85 -12.02 14.15
N MET B 272 10.83 -11.20 14.44
CA MET B 272 10.60 -10.69 15.80
C MET B 272 10.26 -11.76 16.83
N PRO B 273 9.53 -12.81 16.44
CA PRO B 273 9.28 -13.90 17.39
C PRO B 273 10.58 -14.58 17.86
N ILE B 274 11.50 -14.79 16.91
CA ILE B 274 12.78 -15.43 17.23
C ILE B 274 13.67 -14.48 18.02
N ALA B 275 13.74 -13.22 17.57
CA ALA B 275 14.57 -12.20 18.22
C ALA B 275 14.15 -11.95 19.67
N SER B 276 12.84 -11.85 19.90
CA SER B 276 12.31 -11.69 21.25
C SER B 276 12.57 -12.91 22.13
N GLU B 277 12.55 -14.11 21.52
CA GLU B 277 12.87 -15.35 22.24
C GLU B 277 14.37 -15.44 22.53
N PHE B 278 15.19 -15.09 21.54
CA PHE B 278 16.64 -15.04 21.73
C PHE B 278 16.98 -14.06 22.85
N ALA B 279 16.30 -12.93 22.88
CA ALA B 279 16.51 -11.89 23.90
C ALA B 279 17.97 -11.45 23.92
N PRO B 280 18.39 -10.72 22.86
CA PRO B 280 19.77 -10.27 22.77
C PRO B 280 20.10 -9.14 23.74
N ASP B 281 21.37 -9.03 24.10
CA ASP B 281 21.85 -7.93 24.92
C ASP B 281 22.07 -6.68 24.07
N VAL B 282 22.56 -6.88 22.85
CA VAL B 282 22.79 -5.81 21.88
C VAL B 282 22.34 -6.25 20.50
N VAL B 283 21.85 -5.32 19.69
CA VAL B 283 21.36 -5.62 18.35
C VAL B 283 22.12 -4.81 17.30
N LEU B 284 22.93 -5.50 16.50
CA LEU B 284 23.56 -4.89 15.34
C LEU B 284 22.67 -5.11 14.12
N VAL B 285 22.73 -4.16 13.18
CA VAL B 285 21.93 -4.24 11.96
C VAL B 285 22.76 -3.93 10.73
N SER B 286 23.03 -4.95 9.93
CA SER B 286 23.62 -4.77 8.61
C SER B 286 22.57 -4.14 7.71
N SER B 287 22.57 -2.80 7.66
CA SER B 287 21.48 -2.03 7.08
C SER B 287 21.73 -1.58 5.64
N GLY B 288 21.57 -2.50 4.69
CA GLY B 288 21.57 -2.17 3.28
C GLY B 288 20.21 -1.65 2.86
N PHE B 289 20.20 -0.65 1.97
CA PHE B 289 18.95 -0.05 1.49
C PHE B 289 18.75 -0.28 -0.02
N ASP B 290 19.27 -1.42 -0.54
CA ASP B 290 19.17 -1.75 -1.95
C ASP B 290 17.89 -2.54 -2.27
N ALA B 291 17.08 -2.81 -1.20
CA ALA B 291 15.75 -3.39 -1.35
C ALA B 291 14.72 -2.32 -1.74
N VAL B 292 15.09 -1.05 -1.56
CA VAL B 292 14.21 0.08 -1.91
C VAL B 292 13.87 0.08 -3.39
N GLU B 293 12.75 0.71 -3.74
CA GLU B 293 12.38 0.93 -5.12
C GLU B 293 13.48 1.70 -5.86
N GLY B 294 13.65 1.38 -7.14
CA GLY B 294 14.63 2.07 -8.00
C GLY B 294 15.96 1.34 -8.10
N HIS B 295 15.96 0.06 -7.75
CA HIS B 295 17.16 -0.77 -7.85
C HIS B 295 16.92 -1.89 -8.86
N PRO B 296 17.45 -1.74 -10.09
CA PRO B 296 17.33 -2.76 -11.14
C PRO B 296 17.80 -4.16 -10.72
N THR B 297 17.44 -5.16 -11.52
CA THR B 297 17.47 -6.58 -11.14
C THR B 297 18.67 -7.06 -10.31
N PRO B 298 19.92 -6.79 -10.78
CA PRO B 298 21.06 -7.38 -10.09
C PRO B 298 21.26 -6.76 -8.70
N LEU B 299 21.05 -5.40 -8.62
CA LEU B 299 21.28 -4.66 -7.40
C LEU B 299 20.09 -4.79 -6.45
N GLY B 300 18.89 -5.11 -7.00
CA GLY B 300 17.68 -5.21 -6.19
C GLY B 300 16.56 -5.95 -6.87
N GLY B 301 15.56 -5.21 -7.32
CA GLY B 301 14.37 -5.79 -7.97
C GLY B 301 13.12 -5.67 -7.13
N TYR B 302 13.26 -5.29 -5.86
CA TYR B 302 12.13 -5.14 -4.95
C TYR B 302 11.64 -3.69 -4.89
N ASN B 303 10.38 -3.52 -4.49
CA ASN B 303 9.73 -2.21 -4.46
C ASN B 303 9.34 -1.79 -3.04
N LEU B 304 10.31 -1.82 -2.14
CA LEU B 304 10.11 -1.30 -0.79
C LEU B 304 10.19 0.23 -0.79
N SER B 305 9.61 0.84 0.24
CA SER B 305 9.71 2.29 0.45
C SER B 305 10.74 2.58 1.54
N ALA B 306 11.28 3.79 1.53
CA ALA B 306 12.25 4.22 2.54
C ALA B 306 11.62 4.24 3.92
N ARG B 307 10.39 4.74 4.00
CA ARG B 307 9.64 4.82 5.27
C ARG B 307 9.50 3.47 5.97
N CYS B 308 9.43 2.39 5.20
CA CYS B 308 9.29 1.05 5.75
C CYS B 308 10.44 0.71 6.70
N PHE B 309 11.63 1.16 6.35
CA PHE B 309 12.83 0.92 7.18
C PHE B 309 12.78 1.67 8.51
N GLY B 310 11.97 2.72 8.58
CA GLY B 310 11.70 3.41 9.85
C GLY B 310 10.97 2.48 10.80
N TYR B 311 9.94 1.81 10.30
CA TYR B 311 9.14 0.89 11.10
C TYR B 311 9.92 -0.36 11.48
N LEU B 312 10.68 -0.92 10.53
CA LEU B 312 11.52 -2.09 10.82
C LEU B 312 12.51 -1.78 11.94
N THR B 313 13.03 -0.56 11.97
CA THR B 313 13.92 -0.12 13.05
C THR B 313 13.16 0.01 14.36
N LYS B 314 12.00 0.68 14.31
CA LYS B 314 11.17 0.91 15.49
C LYS B 314 10.87 -0.39 16.24
N GLN B 315 10.67 -1.48 15.51
CA GLN B 315 10.43 -2.79 16.11
C GLN B 315 11.69 -3.36 16.77
N LEU B 316 12.84 -3.17 16.13
CA LEU B 316 14.12 -3.65 16.66
C LEU B 316 14.53 -2.90 17.93
N MET B 317 14.11 -1.63 18.04
CA MET B 317 14.36 -0.84 19.25
C MET B 317 13.66 -1.42 20.48
N GLY B 318 12.61 -2.21 20.26
CA GLY B 318 11.98 -2.96 21.33
C GLY B 318 12.94 -3.93 22.00
N LEU B 319 13.82 -4.53 21.22
CA LEU B 319 14.77 -5.53 21.71
C LEU B 319 15.94 -4.90 22.47
N ALA B 320 16.55 -5.70 23.34
CA ALA B 320 17.85 -5.38 23.96
C ALA B 320 17.92 -4.02 24.64
N GLY B 321 16.87 -3.68 25.39
CA GLY B 321 16.80 -2.40 26.09
C GLY B 321 17.09 -1.21 25.20
N GLY B 322 16.73 -1.32 23.92
CA GLY B 322 16.94 -0.26 22.93
C GLY B 322 18.36 -0.11 22.39
N ARG B 323 19.27 -0.98 22.81
CA ARG B 323 20.66 -0.92 22.35
C ARG B 323 20.77 -1.49 20.94
N ILE B 324 20.53 -0.62 19.96
CA ILE B 324 20.55 -0.97 18.55
C ILE B 324 21.53 -0.08 17.81
N VAL B 325 22.40 -0.69 17.01
CA VAL B 325 23.29 0.06 16.11
C VAL B 325 23.12 -0.40 14.66
N LEU B 326 22.82 0.54 13.78
CA LEU B 326 22.67 0.26 12.35
C LEU B 326 23.95 0.65 11.62
N ALA B 327 24.38 -0.19 10.68
CA ALA B 327 25.57 0.07 9.86
C ALA B 327 25.20 -0.03 8.40
N LEU B 328 25.60 0.98 7.61
CA LEU B 328 25.26 1.00 6.18
C LEU B 328 25.99 -0.11 5.44
N GLU B 329 25.27 -0.75 4.47
CA GLU B 329 25.83 -1.85 3.68
C GLU B 329 25.64 -1.51 2.19
N GLY B 330 24.58 -2.11 1.54
CA GLY B 330 24.25 -1.79 0.18
C GLY B 330 23.29 -0.62 0.07
N GLY B 331 22.97 -0.30 -1.22
CA GLY B 331 22.19 0.89 -1.55
C GLY B 331 23.03 1.69 -2.53
N HIS B 332 22.33 2.41 -3.46
CA HIS B 332 23.01 2.94 -4.63
C HIS B 332 22.32 4.17 -5.16
N ASP B 333 20.98 4.07 -5.31
CA ASP B 333 20.15 5.21 -5.67
C ASP B 333 20.25 6.24 -4.55
N LEU B 334 20.83 7.40 -4.85
CA LEU B 334 21.07 8.43 -3.84
C LEU B 334 19.76 8.94 -3.22
N THR B 335 18.71 9.05 -4.03
CA THR B 335 17.40 9.45 -3.52
C THR B 335 16.83 8.37 -2.60
N ALA B 336 16.98 7.12 -2.99
CA ALA B 336 16.48 5.99 -2.20
C ALA B 336 17.17 5.90 -0.84
N ILE B 337 18.50 5.89 -0.84
CA ILE B 337 19.28 5.65 0.38
C ILE B 337 19.32 6.85 1.34
N CYS B 338 19.12 8.06 0.82
CA CYS B 338 19.03 9.25 1.67
C CYS B 338 17.68 9.30 2.38
N ASP B 339 16.61 8.93 1.67
CA ASP B 339 15.28 8.83 2.27
C ASP B 339 15.23 7.75 3.35
N ALA B 340 15.88 6.62 3.09
CA ALA B 340 15.86 5.46 3.99
C ALA B 340 16.62 5.70 5.29
N SER B 341 17.76 6.39 5.19
CA SER B 341 18.56 6.72 6.37
C SER B 341 17.83 7.73 7.25
N GLU B 342 17.16 8.70 6.61
CA GLU B 342 16.35 9.69 7.32
C GLU B 342 15.26 8.98 8.11
N ALA B 343 14.54 8.08 7.46
CA ALA B 343 13.50 7.30 8.12
C ALA B 343 14.04 6.47 9.28
N CYS B 344 15.20 5.86 9.08
CA CYS B 344 15.83 5.04 10.12
C CYS B 344 16.29 5.90 11.30
N VAL B 345 16.94 7.01 10.99
CA VAL B 345 17.42 7.92 12.03
C VAL B 345 16.25 8.57 12.76
N SER B 346 15.23 8.99 12.01
CA SER B 346 13.99 9.50 12.61
C SER B 346 13.45 8.49 13.62
N ALA B 347 13.41 7.21 13.22
CA ALA B 347 12.93 6.14 14.08
C ALA B 347 13.77 6.02 15.35
N LEU B 348 15.09 5.98 15.18
CA LEU B 348 16.03 5.82 16.30
C LEU B 348 15.89 6.91 17.37
N LEU B 349 15.45 8.09 16.96
CA LEU B 349 15.16 9.18 17.92
C LEU B 349 13.79 8.96 18.54
N GLY B 350 12.76 8.86 17.69
CA GLY B 350 11.39 8.57 18.12
C GLY B 350 10.35 9.44 17.44
N ASN B 351 10.39 9.50 16.11
CA ASN B 351 9.54 10.41 15.33
C ASN B 351 8.67 9.67 14.32
N ASP B 354 6.32 9.00 9.38
CA ASP B 354 5.26 9.17 8.38
C ASP B 354 4.41 7.90 8.28
N PRO B 355 3.12 8.06 7.90
CA PRO B 355 2.19 6.93 7.88
C PRO B 355 2.30 6.09 6.61
N LEU B 356 1.82 4.85 6.70
CA LEU B 356 1.78 3.96 5.54
C LEU B 356 0.45 4.18 4.81
N PRO B 357 0.42 3.93 3.50
CA PRO B 357 -0.87 3.95 2.83
C PRO B 357 -1.77 2.87 3.40
N GLU B 358 -3.07 3.15 3.47
CA GLU B 358 -4.03 2.22 4.08
C GLU B 358 -4.13 0.93 3.28
N LYS B 359 -3.92 1.03 1.96
CA LYS B 359 -3.89 -0.15 1.08
C LYS B 359 -2.77 -1.12 1.44
N VAL B 360 -1.67 -0.60 1.99
CA VAL B 360 -0.56 -1.45 2.45
C VAL B 360 -0.93 -2.19 3.74
N LEU B 361 -1.62 -1.51 4.64
CA LEU B 361 -2.06 -2.12 5.91
C LEU B 361 -2.98 -3.31 5.70
N GLN B 362 -3.78 -3.26 4.64
CA GLN B 362 -4.70 -4.35 4.29
C GLN B 362 -4.02 -5.43 3.46
N GLN B 363 -2.95 -5.05 2.74
CA GLN B 363 -2.30 -5.93 1.77
C GLN B 363 -1.67 -7.15 2.43
N ARG B 364 -1.93 -8.31 1.81
CA ARG B 364 -1.31 -9.57 2.23
C ARG B 364 0.08 -9.67 1.63
N PRO B 365 0.94 -10.53 2.21
CA PRO B 365 2.18 -10.89 1.52
C PRO B 365 1.87 -11.78 0.31
N ASN B 366 2.49 -11.49 -0.83
CA ASN B 366 2.21 -12.24 -2.06
C ASN B 366 2.49 -13.74 -1.93
N ALA B 367 1.99 -14.51 -2.91
CA ALA B 367 2.03 -15.97 -2.84
C ALA B 367 3.45 -16.53 -2.77
N ASN B 368 4.41 -15.82 -3.35
CA ASN B 368 5.81 -16.22 -3.28
C ASN B 368 6.42 -16.01 -1.89
N ALA B 369 6.10 -14.88 -1.27
CA ALA B 369 6.59 -14.58 0.08
C ALA B 369 6.10 -15.61 1.10
N VAL B 370 4.82 -15.96 1.03
CA VAL B 370 4.23 -16.94 1.95
C VAL B 370 4.86 -18.31 1.76
N ARG B 371 5.09 -18.69 0.50
CA ARG B 371 5.77 -19.95 0.16
C ARG B 371 7.19 -19.96 0.73
N SER B 372 7.79 -18.78 0.77
CA SER B 372 9.13 -18.61 1.32
C SER B 372 9.13 -18.65 2.85
N MET B 373 8.18 -17.96 3.47
CA MET B 373 8.09 -17.90 4.94
C MET B 373 7.75 -19.27 5.57
N GLU B 374 6.85 -20.00 4.94
CA GLU B 374 6.45 -21.33 5.42
C GLU B 374 7.63 -22.30 5.44
N LYS B 375 8.49 -22.20 4.43
CA LYS B 375 9.66 -23.07 4.34
C LYS B 375 10.64 -22.84 5.50
N VAL B 376 10.83 -21.58 5.89
CA VAL B 376 11.74 -21.23 6.98
C VAL B 376 11.16 -21.62 8.35
N MET B 377 9.88 -21.33 8.55
CA MET B 377 9.19 -21.67 9.79
C MET B 377 9.15 -23.19 9.98
N GLU B 378 8.92 -23.91 8.89
CA GLU B 378 8.99 -25.38 8.88
C GLU B 378 10.35 -25.88 9.37
N ILE B 379 11.42 -25.25 8.89
CA ILE B 379 12.77 -25.66 9.24
C ILE B 379 13.14 -25.29 10.68
N HIS B 380 12.78 -24.07 11.11
CA HIS B 380 13.19 -23.55 12.41
C HIS B 380 12.22 -23.86 13.57
N SER B 381 11.21 -24.68 13.31
CA SER B 381 10.33 -25.19 14.37
C SER B 381 11.08 -26.14 15.29
N LYS B 382 12.10 -26.80 14.74
CA LYS B 382 12.94 -27.72 15.49
C LYS B 382 13.84 -27.00 16.51
N TYR B 383 14.12 -25.72 16.29
CA TYR B 383 15.11 -24.98 17.09
C TYR B 383 14.57 -23.78 17.86
N TRP B 384 13.28 -23.47 17.70
CA TRP B 384 12.68 -22.29 18.33
C TRP B 384 11.26 -22.54 18.82
N ARG B 385 11.03 -22.26 20.11
CA ARG B 385 9.76 -22.59 20.77
C ARG B 385 8.57 -21.89 20.13
N CYS B 386 8.74 -20.63 19.73
CA CYS B 386 7.65 -19.84 19.15
C CYS B 386 7.15 -20.36 17.79
N LEU B 387 7.95 -21.20 17.13
CA LEU B 387 7.55 -21.81 15.86
C LEU B 387 7.01 -23.24 16.03
N GLN B 388 6.85 -23.68 17.29
CA GLN B 388 6.31 -25.01 17.57
C GLN B 388 4.80 -25.03 17.35
N GLY C 2 -8.64 -2.10 -33.64
CA GLY C 2 -9.68 -2.75 -34.48
C GLY C 2 -10.27 -1.81 -35.52
N SER C 3 -11.21 -2.33 -36.30
CA SER C 3 -11.87 -1.55 -37.36
C SER C 3 -13.17 -0.89 -36.88
N THR C 4 -13.93 -1.59 -36.03
CA THR C 4 -15.20 -1.08 -35.51
C THR C 4 -15.04 -0.51 -34.11
N LYS C 5 -14.43 -1.30 -33.22
CA LYS C 5 -14.05 -0.84 -31.89
C LYS C 5 -12.53 -0.60 -31.89
N PRO C 6 -12.07 0.56 -31.37
CA PRO C 6 -10.64 0.88 -31.48
C PRO C 6 -9.76 0.19 -30.43
N ARG C 7 -8.45 0.28 -30.64
CA ARG C 7 -7.46 -0.31 -29.74
C ARG C 7 -7.51 0.35 -28.36
N PHE C 8 -7.22 -0.44 -27.33
CA PHE C 8 -7.05 0.10 -25.97
C PHE C 8 -5.64 0.68 -25.85
N THR C 9 -5.44 1.86 -26.46
CA THR C 9 -4.15 2.55 -26.45
C THR C 9 -4.36 4.03 -26.15
N THR C 10 -3.36 4.86 -26.47
CA THR C 10 -3.44 6.30 -26.27
C THR C 10 -4.30 6.95 -27.34
N GLY C 11 -5.04 7.98 -26.94
CA GLY C 11 -5.86 8.77 -27.87
C GLY C 11 -5.17 10.06 -28.29
N LEU C 12 -5.56 10.57 -29.45
CA LEU C 12 -5.09 11.86 -29.93
C LEU C 12 -6.24 12.57 -30.63
N VAL C 13 -6.63 13.73 -30.13
CA VAL C 13 -7.68 14.53 -30.76
C VAL C 13 -7.06 15.78 -31.37
N TYR C 14 -7.50 16.09 -32.60
CA TYR C 14 -6.98 17.23 -33.35
C TYR C 14 -7.83 17.46 -34.58
N ASP C 15 -8.37 18.66 -34.73
CA ASP C 15 -9.15 19.05 -35.89
C ASP C 15 -8.45 20.19 -36.61
N THR C 16 -8.41 20.12 -37.93
CA THR C 16 -7.71 21.12 -38.75
C THR C 16 -8.37 22.50 -38.67
N LEU C 17 -9.64 22.54 -38.31
CA LEU C 17 -10.39 23.81 -38.23
C LEU C 17 -9.93 24.74 -37.08
N MET C 18 -9.31 24.18 -36.05
CA MET C 18 -8.79 24.99 -34.93
C MET C 18 -7.69 25.94 -35.38
N LEU C 19 -7.01 25.58 -36.47
CA LEU C 19 -5.97 26.43 -37.05
C LEU C 19 -6.54 27.75 -37.58
N LYS C 20 -7.79 27.73 -38.01
CA LYS C 20 -8.43 28.92 -38.58
C LYS C 20 -8.79 29.98 -37.54
N HIS C 21 -8.67 29.65 -36.25
CA HIS C 21 -8.68 30.68 -35.20
C HIS C 21 -7.36 31.47 -35.32
N GLN C 22 -7.35 32.40 -36.26
CA GLN C 22 -6.13 33.08 -36.67
C GLN C 22 -6.48 34.52 -37.01
N CYS C 23 -5.51 35.42 -36.89
CA CYS C 23 -5.71 36.80 -37.32
C CYS C 23 -5.72 36.82 -38.86
N THR C 24 -6.17 37.92 -39.43
CA THR C 24 -6.22 38.05 -40.90
C THR C 24 -4.81 38.18 -41.49
N CYS C 25 -3.84 38.53 -40.65
CA CYS C 25 -2.44 38.67 -41.04
C CYS C 25 -1.85 37.36 -41.54
N SER C 30 4.48 37.24 -34.39
CA SER C 30 3.67 38.44 -34.24
C SER C 30 2.58 38.23 -33.18
N HIS C 31 1.66 37.29 -33.46
CA HIS C 31 0.59 36.94 -32.52
C HIS C 31 0.96 35.67 -31.76
N PRO C 32 1.13 35.78 -30.40
CA PRO C 32 1.69 34.68 -29.62
C PRO C 32 0.92 33.36 -29.70
N GLU C 33 -0.43 33.43 -29.57
CA GLU C 33 -1.25 32.21 -29.54
C GLU C 33 -1.79 31.98 -30.96
N HIS C 34 -0.96 31.26 -31.77
CA HIS C 34 -1.24 31.09 -33.20
C HIS C 34 -1.36 29.61 -33.58
N ALA C 35 -1.82 29.38 -34.81
CA ALA C 35 -2.16 28.02 -35.29
C ALA C 35 -0.93 27.12 -35.40
N GLY C 36 0.22 27.73 -35.71
CA GLY C 36 1.49 27.01 -35.75
C GLY C 36 1.75 26.13 -34.54
N ARG C 37 1.19 26.52 -33.36
CA ARG C 37 1.37 25.78 -32.13
C ARG C 37 0.96 24.30 -32.29
N ILE C 38 -0.38 24.07 -32.45
CA ILE C 38 -0.91 22.72 -32.64
C ILE C 38 -0.44 22.11 -33.97
N GLN C 39 -0.25 22.96 -34.97
CA GLN C 39 0.20 22.55 -36.30
C GLN C 39 1.57 21.87 -36.22
N SER C 40 2.50 22.51 -35.49
CA SER C 40 3.84 21.95 -35.28
C SER C 40 3.77 20.68 -34.47
N ILE C 41 3.08 20.76 -33.33
CA ILE C 41 2.91 19.61 -32.43
C ILE C 41 2.32 18.43 -33.19
N TRP C 42 1.36 18.70 -34.09
CA TRP C 42 0.72 17.64 -34.86
C TRP C 42 1.67 16.93 -35.82
N SER C 43 2.56 17.71 -36.45
CA SER C 43 3.54 17.15 -37.39
C SER C 43 4.47 16.17 -36.68
N ARG C 44 5.04 16.60 -35.56
CA ARG C 44 6.05 15.81 -34.86
C ARG C 44 5.53 14.44 -34.45
N LEU C 45 4.26 14.36 -34.08
CA LEU C 45 3.65 13.09 -33.69
C LEU C 45 3.66 12.07 -34.85
N GLN C 46 3.55 12.55 -36.08
CA GLN C 46 3.67 11.67 -37.26
C GLN C 46 5.14 11.51 -37.65
N GLU C 47 5.88 12.62 -37.69
CA GLU C 47 7.31 12.59 -37.98
C GLU C 47 8.02 11.54 -37.13
N THR C 48 7.69 11.53 -35.84
CA THR C 48 8.29 10.59 -34.88
C THR C 48 7.55 9.26 -34.80
N GLY C 49 6.45 9.14 -35.55
CA GLY C 49 5.70 7.90 -35.64
C GLY C 49 4.77 7.63 -34.48
N LEU C 50 4.70 8.55 -33.53
CA LEU C 50 3.89 8.38 -32.31
C LEU C 50 2.39 8.42 -32.61
N ARG C 51 2.01 9.04 -33.72
CA ARG C 51 0.61 9.10 -34.14
C ARG C 51 0.13 7.74 -34.64
N GLY C 52 0.98 7.05 -35.38
CA GLY C 52 0.69 5.69 -35.83
C GLY C 52 0.43 4.73 -34.68
N LYS C 53 1.13 4.95 -33.56
CA LYS C 53 0.97 4.10 -32.37
C LYS C 53 -0.31 4.41 -31.60
N CYS C 54 -0.90 5.58 -31.84
CA CYS C 54 -2.12 5.98 -31.16
C CYS C 54 -3.37 5.67 -31.96
N GLU C 55 -4.53 5.98 -31.39
CA GLU C 55 -5.81 5.95 -32.09
C GLU C 55 -6.38 7.37 -32.10
N CYS C 56 -6.58 7.92 -33.29
CA CYS C 56 -7.05 9.30 -33.45
C CYS C 56 -8.57 9.36 -33.59
N ILE C 57 -9.24 9.89 -32.56
CA ILE C 57 -10.69 10.01 -32.57
C ILE C 57 -11.15 11.21 -33.41
N ARG C 58 -12.46 11.32 -33.61
CA ARG C 58 -13.03 12.36 -34.47
C ARG C 58 -12.99 13.75 -33.82
N GLY C 59 -13.82 13.98 -32.81
CA GLY C 59 -13.96 15.31 -32.20
C GLY C 59 -15.08 16.12 -32.84
N ARG C 60 -15.53 17.16 -32.14
CA ARG C 60 -16.66 17.96 -32.59
C ARG C 60 -16.70 19.33 -31.90
N LYS C 61 -17.65 20.16 -32.30
CA LYS C 61 -17.96 21.39 -31.60
C LYS C 61 -18.87 21.08 -30.42
N ALA C 62 -18.59 21.66 -29.26
CA ALA C 62 -19.44 21.51 -28.09
C ALA C 62 -20.75 22.27 -28.28
N THR C 63 -21.79 21.83 -27.60
CA THR C 63 -23.08 22.52 -27.64
C THR C 63 -23.04 23.75 -26.73
N LEU C 64 -23.96 24.68 -26.94
CA LEU C 64 -24.05 25.88 -26.09
C LEU C 64 -24.40 25.51 -24.65
N GLU C 65 -25.18 24.45 -24.49
CA GLU C 65 -25.59 23.97 -23.18
C GLU C 65 -24.40 23.39 -22.42
N GLU C 66 -23.56 22.66 -23.14
CA GLU C 66 -22.33 22.10 -22.55
C GLU C 66 -21.39 23.19 -22.06
N LEU C 67 -21.23 24.24 -22.85
CA LEU C 67 -20.42 25.40 -22.47
C LEU C 67 -20.99 26.07 -21.23
N GLN C 68 -22.32 26.04 -21.09
CA GLN C 68 -23.00 26.67 -19.96
C GLN C 68 -22.91 25.88 -18.65
N THR C 69 -22.26 24.72 -18.67
CA THR C 69 -21.99 23.98 -17.43
C THR C 69 -20.96 24.70 -16.55
N VAL C 70 -20.11 25.51 -17.18
CA VAL C 70 -19.11 26.31 -16.48
C VAL C 70 -19.39 27.81 -16.66
N HIS C 71 -19.63 28.23 -17.88
CA HIS C 71 -19.80 29.65 -18.21
C HIS C 71 -21.26 30.07 -18.14
N SER C 72 -21.49 31.38 -18.31
CA SER C 72 -22.82 31.94 -18.32
C SER C 72 -23.42 31.86 -19.73
N GLU C 73 -24.69 32.23 -19.85
CA GLU C 73 -25.37 32.25 -21.14
C GLU C 73 -24.91 33.43 -21.98
N ALA C 74 -24.79 34.61 -21.36
CA ALA C 74 -24.37 35.83 -22.06
C ALA C 74 -22.95 35.71 -22.60
N HIS C 75 -22.11 34.98 -21.89
CA HIS C 75 -20.72 34.76 -22.29
C HIS C 75 -20.60 33.73 -23.42
N THR C 76 -21.46 32.72 -23.37
CA THR C 76 -21.47 31.65 -24.39
C THR C 76 -21.96 32.16 -25.75
N LEU C 77 -23.09 32.89 -25.75
CA LEU C 77 -23.66 33.42 -26.98
C LEU C 77 -22.74 34.45 -27.66
N LEU C 78 -22.02 35.23 -26.85
CA LEU C 78 -21.12 36.26 -27.38
C LEU C 78 -19.87 35.68 -28.06
N TYR C 79 -19.28 34.65 -27.46
CA TYR C 79 -18.06 34.03 -27.99
C TYR C 79 -18.26 32.64 -28.62
N GLY C 80 -19.50 32.13 -28.57
CA GLY C 80 -19.82 30.82 -29.13
C GLY C 80 -20.70 30.84 -30.37
N THR C 81 -21.41 31.94 -30.60
CA THR C 81 -22.31 32.07 -31.74
C THR C 81 -22.21 33.47 -32.36
N ASN C 82 -21.45 33.59 -33.43
CA ASN C 82 -21.30 34.87 -34.12
C ASN C 82 -22.54 35.22 -34.97
N PRO C 83 -23.17 36.37 -34.67
CA PRO C 83 -24.35 36.80 -35.44
C PRO C 83 -23.98 37.72 -36.60
N LEU C 84 -24.98 38.13 -37.36
CA LEU C 84 -24.78 39.12 -38.44
C LEU C 84 -26.09 39.81 -38.81
N THR C 116 -5.59 40.26 -27.44
CA THR C 116 -6.43 39.10 -27.68
C THR C 116 -7.17 39.23 -29.02
N ILE C 117 -6.67 38.54 -30.04
CA ILE C 117 -7.24 38.61 -31.39
C ILE C 117 -8.55 37.82 -31.49
N TRP C 118 -9.24 37.99 -32.61
CA TRP C 118 -10.50 37.28 -32.83
C TRP C 118 -10.84 37.23 -34.32
N ASN C 119 -11.08 36.02 -34.82
CA ASN C 119 -11.49 35.82 -36.20
C ASN C 119 -13.02 35.85 -36.33
N GLU C 120 -13.52 36.96 -36.85
CA GLU C 120 -14.95 37.16 -37.14
C GLU C 120 -15.70 35.92 -37.65
N VAL C 121 -15.06 35.11 -38.47
CA VAL C 121 -15.66 33.91 -39.05
C VAL C 121 -15.43 32.65 -38.21
N HIS C 122 -14.18 32.19 -38.16
CA HIS C 122 -13.85 30.83 -37.70
C HIS C 122 -13.56 30.66 -36.21
N SER C 123 -13.32 31.76 -35.49
CA SER C 123 -12.92 31.69 -34.07
C SER C 123 -14.01 31.08 -33.19
N ALA C 124 -15.23 31.57 -33.32
CA ALA C 124 -16.35 31.03 -32.56
C ALA C 124 -16.41 29.51 -32.68
N GLY C 125 -16.20 29.01 -33.89
CA GLY C 125 -16.18 27.57 -34.14
C GLY C 125 -14.97 26.85 -33.56
N ALA C 126 -13.80 27.48 -33.68
CA ALA C 126 -12.55 26.87 -33.19
C ALA C 126 -12.54 26.72 -31.67
N ALA C 127 -12.94 27.79 -30.98
CA ALA C 127 -13.00 27.80 -29.52
C ALA C 127 -13.96 26.75 -28.95
N ARG C 128 -15.02 26.47 -29.70
CA ARG C 128 -16.00 25.44 -29.34
C ARG C 128 -15.49 24.05 -29.70
N LEU C 129 -14.78 23.96 -30.82
CA LEU C 129 -14.22 22.70 -31.30
C LEU C 129 -13.17 22.16 -30.32
N ALA C 130 -12.38 23.07 -29.73
CA ALA C 130 -11.36 22.69 -28.75
C ALA C 130 -12.00 22.13 -27.48
N VAL C 131 -13.09 22.73 -27.04
CA VAL C 131 -13.83 22.24 -25.87
C VAL C 131 -14.47 20.90 -26.19
N GLY C 132 -15.10 20.80 -27.36
CA GLY C 132 -15.72 19.55 -27.78
C GLY C 132 -14.71 18.42 -27.97
N CYS C 133 -13.53 18.76 -28.49
CA CYS C 133 -12.45 17.78 -28.70
C CYS C 133 -11.93 17.18 -27.39
N VAL C 134 -11.84 18.01 -26.36
CA VAL C 134 -11.40 17.53 -25.04
C VAL C 134 -12.44 16.58 -24.45
N VAL C 135 -13.72 16.97 -24.54
CA VAL C 135 -14.83 16.16 -24.02
C VAL C 135 -14.83 14.75 -24.62
N GLU C 136 -14.70 14.68 -25.95
CA GLU C 136 -14.67 13.38 -26.63
C GLU C 136 -13.54 12.50 -26.10
N LEU C 137 -12.31 13.01 -26.16
CA LEU C 137 -11.13 12.28 -25.70
C LEU C 137 -11.27 11.83 -24.23
N VAL C 138 -11.84 12.70 -23.40
CA VAL C 138 -12.03 12.39 -21.98
C VAL C 138 -13.07 11.29 -21.76
N PHE C 139 -14.22 11.39 -22.42
CA PHE C 139 -15.29 10.39 -22.27
C PHE C 139 -14.89 9.01 -22.78
N LYS C 140 -14.08 8.96 -23.83
CA LYS C 140 -13.55 7.70 -24.37
C LYS C 140 -12.64 7.03 -23.34
N VAL C 141 -11.80 7.83 -22.70
CA VAL C 141 -10.93 7.33 -21.63
C VAL C 141 -11.73 7.07 -20.35
N ALA C 142 -12.76 7.86 -20.10
CA ALA C 142 -13.60 7.71 -18.90
C ALA C 142 -14.51 6.47 -18.95
N THR C 143 -14.71 5.90 -20.13
CA THR C 143 -15.53 4.69 -20.29
C THR C 143 -14.70 3.44 -20.61
N GLY C 144 -13.38 3.55 -20.50
CA GLY C 144 -12.48 2.43 -20.74
C GLY C 144 -12.28 2.04 -22.20
N GLU C 145 -12.81 2.85 -23.12
CA GLU C 145 -12.68 2.59 -24.55
C GLU C 145 -11.25 2.88 -25.02
N LEU C 146 -10.62 3.89 -24.42
CA LEU C 146 -9.19 4.17 -24.62
C LEU C 146 -8.48 4.25 -23.26
N LYS C 147 -7.15 4.11 -23.29
CA LYS C 147 -6.36 4.07 -22.05
C LYS C 147 -6.10 5.47 -21.51
N ASN C 148 -5.46 6.30 -22.33
CA ASN C 148 -5.17 7.69 -21.99
C ASN C 148 -5.18 8.51 -23.27
N GLY C 149 -4.84 9.80 -23.21
CA GLY C 149 -4.85 10.63 -24.42
C GLY C 149 -4.24 12.01 -24.31
N PHE C 150 -4.20 12.71 -25.45
CA PHE C 150 -3.57 14.04 -25.52
C PHE C 150 -4.33 14.94 -26.49
N ALA C 151 -5.01 15.95 -25.96
CA ALA C 151 -5.82 16.87 -26.76
C ALA C 151 -4.98 18.02 -27.32
N VAL C 152 -4.51 17.86 -28.55
CA VAL C 152 -3.78 18.91 -29.26
C VAL C 152 -4.79 19.98 -29.70
N VAL C 153 -5.07 20.92 -28.80
CA VAL C 153 -6.19 21.84 -28.95
C VAL C 153 -5.83 23.31 -28.72
N ARG C 154 -6.49 24.18 -29.49
CA ARG C 154 -6.40 25.63 -29.29
C ARG C 154 -7.72 26.30 -29.68
N PRO C 155 -8.04 27.45 -29.08
CA PRO C 155 -7.28 28.19 -28.07
C PRO C 155 -7.33 27.54 -26.69
N PRO C 156 -6.43 27.97 -25.76
CA PRO C 156 -6.42 27.41 -24.42
C PRO C 156 -7.68 27.81 -23.65
N GLY C 157 -7.81 27.20 -22.43
CA GLY C 157 -9.02 27.39 -21.62
C GLY C 157 -8.84 27.85 -20.18
N HIS C 158 -7.70 27.45 -19.53
CA HIS C 158 -7.63 27.51 -18.07
C HIS C 158 -7.76 28.91 -17.41
N HIS C 159 -7.62 30.00 -18.24
CA HIS C 159 -7.81 31.35 -17.74
C HIS C 159 -9.24 31.86 -17.93
N ALA C 160 -10.05 31.12 -18.74
CA ALA C 160 -11.42 31.53 -19.06
C ALA C 160 -12.34 31.35 -17.86
N GLU C 161 -12.76 32.48 -17.29
CA GLU C 161 -13.68 32.46 -16.15
C GLU C 161 -15.12 32.41 -16.66
N GLU C 162 -16.08 32.35 -15.75
CA GLU C 162 -17.50 32.19 -16.09
C GLU C 162 -17.95 33.19 -17.16
N SER C 163 -17.81 34.47 -16.85
CA SER C 163 -18.36 35.54 -17.68
C SER C 163 -17.30 36.39 -18.39
N THR C 164 -16.03 36.05 -18.21
CA THR C 164 -14.95 36.85 -18.79
C THR C 164 -13.84 35.98 -19.39
N PRO C 165 -13.33 36.36 -20.58
CA PRO C 165 -12.12 35.75 -21.14
C PRO C 165 -10.87 36.49 -20.70
N MET C 166 -9.73 35.81 -20.73
CA MET C 166 -8.43 36.42 -20.43
C MET C 166 -7.30 35.46 -20.74
N GLY C 167 -6.07 36.03 -20.97
CA GLY C 167 -4.92 35.19 -21.23
C GLY C 167 -5.07 34.30 -22.45
N PHE C 168 -5.72 34.89 -23.51
CA PHE C 168 -6.00 34.18 -24.75
C PHE C 168 -6.84 32.92 -24.55
N CYS C 169 -7.68 32.91 -23.48
CA CYS C 169 -8.60 31.81 -23.23
C CYS C 169 -10.02 32.37 -23.30
N TYR C 170 -10.89 31.57 -23.99
CA TYR C 170 -12.30 31.93 -24.17
C TYR C 170 -13.25 30.98 -23.46
N PHE C 171 -12.97 29.68 -23.54
CA PHE C 171 -13.79 28.65 -22.87
C PHE C 171 -12.90 27.64 -22.15
N ASN C 172 -13.09 27.50 -20.84
CA ASN C 172 -12.34 26.54 -20.04
C ASN C 172 -12.71 25.09 -20.41
N SER C 173 -12.02 24.58 -21.42
CA SER C 173 -12.29 23.26 -21.97
C SER C 173 -12.24 22.17 -20.90
N VAL C 174 -11.13 22.12 -20.18
CA VAL C 174 -10.92 21.08 -19.17
C VAL C 174 -12.00 21.12 -18.10
N ALA C 175 -12.48 22.32 -17.78
CA ALA C 175 -13.58 22.50 -16.83
C ALA C 175 -14.85 21.86 -17.36
N VAL C 176 -15.26 22.29 -18.55
CA VAL C 176 -16.49 21.78 -19.18
C VAL C 176 -16.50 20.25 -19.26
N ALA C 177 -15.36 19.66 -19.63
CA ALA C 177 -15.24 18.20 -19.72
C ALA C 177 -15.35 17.53 -18.35
N ALA C 178 -14.84 18.18 -17.31
CA ALA C 178 -14.93 17.69 -15.95
C ALA C 178 -16.36 17.83 -15.41
N LYS C 179 -16.99 18.97 -15.70
CA LYS C 179 -18.40 19.17 -15.35
C LYS C 179 -19.29 18.10 -15.98
N LEU C 180 -19.02 17.78 -17.24
CA LEU C 180 -19.79 16.77 -17.97
C LEU C 180 -19.59 15.34 -17.42
N LEU C 181 -18.38 15.06 -16.93
CA LEU C 181 -18.11 13.76 -16.30
C LEU C 181 -18.94 13.55 -15.03
N GLN C 182 -19.27 14.63 -14.35
CA GLN C 182 -20.11 14.58 -13.14
C GLN C 182 -21.58 14.34 -13.48
N GLN C 183 -22.10 15.14 -14.41
CA GLN C 183 -23.53 15.12 -14.73
C GLN C 183 -23.94 14.04 -15.75
N ARG C 184 -22.98 13.22 -16.20
CA ARG C 184 -23.29 12.14 -17.14
C ARG C 184 -22.67 10.77 -16.81
N LEU C 185 -22.05 10.63 -15.64
CA LEU C 185 -21.51 9.34 -15.19
C LEU C 185 -21.60 9.17 -13.67
N SER C 188 -17.67 11.37 -10.58
CA SER C 188 -17.54 10.50 -9.43
C SER C 188 -16.51 11.05 -8.44
N LYS C 189 -15.28 11.26 -8.92
CA LYS C 189 -14.20 11.90 -8.17
C LYS C 189 -13.06 12.23 -9.14
N ILE C 190 -12.77 13.53 -9.30
CA ILE C 190 -11.91 14.00 -10.40
C ILE C 190 -10.67 14.77 -9.90
N LEU C 191 -9.57 14.63 -10.63
CA LEU C 191 -8.31 15.33 -10.31
C LEU C 191 -7.84 16.17 -11.50
N ILE C 192 -7.81 17.49 -11.32
CA ILE C 192 -7.36 18.42 -12.35
C ILE C 192 -5.98 18.97 -11.99
N VAL C 193 -4.95 18.50 -12.71
CA VAL C 193 -3.57 18.93 -12.45
C VAL C 193 -3.08 19.91 -13.52
N ASP C 194 -2.89 21.17 -13.11
CA ASP C 194 -2.50 22.24 -14.00
C ASP C 194 -1.00 22.47 -13.85
N TRP C 195 -0.21 22.07 -14.84
CA TRP C 195 1.23 22.32 -14.79
C TRP C 195 1.71 23.39 -15.78
N ASP C 196 0.71 24.16 -16.33
CA ASP C 196 1.04 25.37 -17.08
C ASP C 196 1.65 26.30 -16.03
N VAL C 197 2.73 27.02 -16.45
CA VAL C 197 3.44 27.91 -15.53
C VAL C 197 2.53 29.03 -15.00
N HIS C 198 1.48 29.38 -15.79
CA HIS C 198 0.53 30.39 -15.35
C HIS C 198 -0.58 29.64 -14.59
N HIS C 199 -1.18 30.37 -13.60
CA HIS C 199 -2.23 29.79 -12.75
C HIS C 199 -3.56 29.72 -13.49
N GLY C 200 -4.19 28.55 -13.46
CA GLY C 200 -5.50 28.37 -14.09
C GLY C 200 -6.61 28.94 -13.25
N ASN C 201 -6.72 30.27 -13.22
CA ASN C 201 -7.75 30.96 -12.44
C ASN C 201 -9.18 30.52 -12.77
N GLY C 202 -9.42 30.19 -14.04
CA GLY C 202 -10.72 29.70 -14.49
C GLY C 202 -11.10 28.36 -13.90
N THR C 203 -10.14 27.45 -13.82
CA THR C 203 -10.38 26.12 -13.26
C THR C 203 -10.47 26.16 -11.73
N GLN C 204 -9.66 27.01 -11.08
CA GLN C 204 -9.79 27.17 -9.63
C GLN C 204 -11.19 27.63 -9.30
N GLN C 205 -11.65 28.68 -10.00
CA GLN C 205 -13.00 29.21 -9.82
C GLN C 205 -14.07 28.15 -10.10
N ALA C 206 -13.82 27.29 -11.08
CA ALA C 206 -14.83 26.32 -11.54
C ALA C 206 -15.16 25.20 -10.54
N PHE C 207 -14.24 24.88 -9.63
CA PHE C 207 -14.43 23.76 -8.70
C PHE C 207 -13.98 24.06 -7.27
N TYR C 208 -14.05 25.33 -6.87
CA TYR C 208 -13.55 25.77 -5.56
C TYR C 208 -14.33 25.15 -4.39
N SER C 209 -15.64 25.00 -4.57
CA SER C 209 -16.53 24.52 -3.51
C SER C 209 -16.74 23.00 -3.53
N ASP C 210 -16.57 22.39 -4.70
CA ASP C 210 -16.87 20.97 -4.88
C ASP C 210 -15.77 20.07 -4.30
N PRO C 211 -16.13 19.19 -3.35
CA PRO C 211 -15.16 18.25 -2.78
C PRO C 211 -14.86 17.03 -3.68
N SER C 212 -15.67 16.82 -4.72
CA SER C 212 -15.45 15.71 -5.64
C SER C 212 -14.47 16.05 -6.77
N VAL C 213 -13.86 17.24 -6.71
CA VAL C 213 -12.88 17.67 -7.70
C VAL C 213 -11.69 18.35 -7.02
N LEU C 214 -10.53 17.70 -7.07
CA LEU C 214 -9.30 18.23 -6.48
C LEU C 214 -8.45 18.92 -7.54
N TYR C 215 -8.33 20.25 -7.42
CA TYR C 215 -7.51 21.04 -8.33
C TYR C 215 -6.09 21.15 -7.76
N MET C 216 -5.10 20.91 -8.62
CA MET C 216 -3.69 21.03 -8.24
C MET C 216 -2.91 21.81 -9.29
N SER C 217 -2.58 23.07 -8.97
CA SER C 217 -1.88 23.93 -9.92
C SER C 217 -0.46 24.26 -9.50
N LEU C 218 0.51 23.75 -10.26
CA LEU C 218 1.91 24.14 -10.12
C LEU C 218 2.16 25.33 -11.04
N HIS C 219 2.39 26.50 -10.45
CA HIS C 219 2.52 27.73 -11.24
C HIS C 219 3.48 28.73 -10.62
N ARG C 220 4.11 29.56 -11.45
CA ARG C 220 4.88 30.68 -10.96
C ARG C 220 3.93 31.70 -10.35
N TYR C 221 3.99 31.86 -9.03
CA TYR C 221 3.15 32.82 -8.32
C TYR C 221 3.92 34.12 -8.10
N ASP C 222 5.11 34.01 -7.52
CA ASP C 222 5.95 35.17 -7.16
C ASP C 222 5.14 36.23 -6.41
N ASP C 223 4.53 35.80 -5.30
CA ASP C 223 3.73 36.68 -4.44
C ASP C 223 2.60 37.37 -5.21
N GLY C 224 2.02 36.65 -6.17
CA GLY C 224 0.91 37.16 -6.97
C GLY C 224 1.29 38.25 -7.96
N ASN C 225 2.58 38.36 -8.27
CA ASN C 225 3.08 39.41 -9.14
C ASN C 225 3.48 38.88 -10.51
N PHE C 226 2.90 37.74 -10.89
CA PHE C 226 3.09 37.13 -12.20
C PHE C 226 1.72 37.09 -12.86
N PHE C 227 1.67 36.71 -14.18
CA PHE C 227 0.38 36.62 -14.84
C PHE C 227 -0.24 35.28 -14.44
N PRO C 228 -1.58 35.25 -14.15
CA PRO C 228 -2.54 36.36 -14.09
C PRO C 228 -2.51 37.13 -12.77
N GLY C 229 -1.81 36.60 -11.76
CA GLY C 229 -1.70 37.25 -10.46
C GLY C 229 -2.53 36.65 -9.34
N SER C 230 -2.96 35.40 -9.53
CA SER C 230 -3.78 34.70 -8.55
C SER C 230 -3.21 33.31 -8.24
N GLY C 231 -3.86 32.59 -7.33
CA GLY C 231 -3.45 31.23 -6.97
C GLY C 231 -2.57 31.19 -5.74
N ALA C 232 -2.99 31.90 -4.69
CA ALA C 232 -2.25 31.94 -3.44
C ALA C 232 -2.21 30.56 -2.77
N PRO C 233 -1.11 30.24 -2.07
CA PRO C 233 -1.02 28.96 -1.37
C PRO C 233 -2.13 28.76 -0.34
N ASP C 234 -2.57 29.87 0.27
CA ASP C 234 -3.62 29.83 1.29
C ASP C 234 -5.01 29.50 0.72
N GLU C 235 -5.22 29.80 -0.56
CA GLU C 235 -6.50 29.50 -1.20
C GLU C 235 -6.70 27.99 -1.33
N VAL C 236 -7.24 27.39 -0.27
CA VAL C 236 -7.34 25.93 -0.14
C VAL C 236 -8.75 25.39 -0.38
N GLY C 237 -9.64 26.23 -0.92
CA GLY C 237 -11.02 25.84 -1.17
C GLY C 237 -12.00 26.67 -0.37
N THR C 238 -13.26 26.22 -0.32
CA THR C 238 -14.31 26.94 0.41
C THR C 238 -15.51 26.05 0.73
N GLY C 239 -16.07 26.24 1.92
CA GLY C 239 -17.28 25.54 2.34
C GLY C 239 -17.10 24.03 2.42
N PRO C 240 -17.89 23.27 1.63
CA PRO C 240 -17.78 21.81 1.68
C PRO C 240 -16.45 21.27 1.16
N GLY C 241 -15.85 21.96 0.19
CA GLY C 241 -14.64 21.49 -0.48
C GLY C 241 -13.34 22.11 0.02
N VAL C 242 -13.20 22.19 1.34
CA VAL C 242 -11.99 22.73 1.94
C VAL C 242 -10.89 21.67 1.92
N GLY C 243 -9.69 22.07 1.45
CA GLY C 243 -8.56 21.16 1.31
C GLY C 243 -8.51 20.44 -0.02
N PHE C 244 -9.46 20.78 -0.91
CA PHE C 244 -9.52 20.19 -2.25
C PHE C 244 -9.21 21.22 -3.32
N ASN C 245 -8.14 21.99 -3.10
CA ASN C 245 -7.66 23.00 -4.05
C ASN C 245 -6.22 23.42 -3.71
N VAL C 246 -5.25 22.68 -4.25
CA VAL C 246 -3.85 22.87 -3.92
C VAL C 246 -3.14 23.75 -4.96
N ASN C 247 -2.80 24.97 -4.57
CA ASN C 247 -2.02 25.87 -5.41
C ASN C 247 -0.54 25.77 -5.05
N MET C 248 0.16 24.84 -5.68
CA MET C 248 1.62 24.71 -5.51
C MET C 248 2.30 25.92 -6.12
N ALA C 249 2.37 27.00 -5.35
CA ALA C 249 2.88 28.28 -5.82
C ALA C 249 4.40 28.37 -5.62
N PHE C 250 5.13 28.65 -6.69
CA PHE C 250 6.57 28.85 -6.64
C PHE C 250 6.89 30.34 -6.53
N THR C 251 7.13 30.79 -5.30
CA THR C 251 7.48 32.19 -5.04
C THR C 251 8.98 32.35 -4.86
N GLY C 252 9.46 33.60 -4.95
CA GLY C 252 10.87 33.92 -4.77
C GLY C 252 11.62 34.26 -6.06
N GLY C 253 10.89 34.76 -7.06
CA GLY C 253 11.48 35.23 -8.31
C GLY C 253 12.34 34.22 -9.04
N LEU C 254 13.38 34.72 -9.70
CA LEU C 254 14.35 33.89 -10.40
C LEU C 254 15.76 34.11 -9.86
N ASP C 255 15.90 34.24 -8.53
CA ASP C 255 17.23 34.34 -7.89
C ASP C 255 18.09 33.22 -8.46
N PRO C 256 17.66 31.96 -8.27
CA PRO C 256 17.88 30.92 -9.27
C PRO C 256 16.54 30.61 -9.94
N PRO C 257 16.51 30.49 -11.28
CA PRO C 257 15.27 30.07 -11.92
C PRO C 257 14.91 28.62 -11.59
N MET C 258 13.61 28.31 -11.59
CA MET C 258 13.14 26.94 -11.31
C MET C 258 13.42 26.08 -12.53
N GLY C 259 13.60 24.78 -12.30
CA GLY C 259 13.91 23.84 -13.38
C GLY C 259 13.48 22.42 -13.07
N ASP C 260 14.26 21.46 -13.58
CA ASP C 260 13.92 20.04 -13.48
C ASP C 260 13.79 19.58 -12.03
N ALA C 261 14.87 19.69 -11.27
CA ALA C 261 14.91 19.19 -9.89
C ALA C 261 13.93 19.89 -8.95
N GLU C 262 13.53 21.11 -9.30
CA GLU C 262 12.58 21.87 -8.50
C GLU C 262 11.15 21.36 -8.67
N TYR C 263 10.74 21.14 -9.92
CA TYR C 263 9.43 20.58 -10.22
C TYR C 263 9.33 19.11 -9.81
N LEU C 264 10.36 18.32 -10.11
CA LEU C 264 10.41 16.90 -9.75
C LEU C 264 10.29 16.70 -8.23
N ALA C 265 10.87 17.62 -7.46
CA ALA C 265 10.76 17.58 -6.00
C ALA C 265 9.34 17.91 -5.53
N ALA C 266 8.66 18.83 -6.23
CA ALA C 266 7.28 19.19 -5.88
C ALA C 266 6.30 18.06 -6.16
N PHE C 267 6.61 17.22 -7.15
CA PHE C 267 5.76 16.06 -7.46
C PHE C 267 5.96 14.90 -6.49
N ARG C 268 7.18 14.74 -5.98
CA ARG C 268 7.47 13.68 -5.02
C ARG C 268 6.82 13.93 -3.66
N THR C 269 6.93 15.17 -3.17
CA THR C 269 6.51 15.51 -1.81
C THR C 269 5.06 15.98 -1.71
N VAL C 270 4.63 16.85 -2.61
CA VAL C 270 3.33 17.52 -2.50
C VAL C 270 2.24 16.91 -3.37
N VAL C 271 2.47 16.86 -4.68
CA VAL C 271 1.42 16.51 -5.64
C VAL C 271 0.91 15.07 -5.51
N MET C 272 1.83 14.11 -5.64
CA MET C 272 1.46 12.70 -5.73
C MET C 272 0.88 12.12 -4.44
N PRO C 273 1.46 12.46 -3.27
CA PRO C 273 0.88 11.98 -2.01
C PRO C 273 -0.54 12.48 -1.76
N ILE C 274 -0.79 13.76 -2.04
CA ILE C 274 -2.14 14.34 -1.90
C ILE C 274 -3.11 13.75 -2.94
N ALA C 275 -2.58 13.48 -4.13
CA ALA C 275 -3.37 12.87 -5.20
C ALA C 275 -3.70 11.41 -4.90
N SER C 276 -2.69 10.65 -4.47
CA SER C 276 -2.88 9.23 -4.16
C SER C 276 -3.91 9.01 -3.05
N GLU C 277 -3.86 9.86 -2.03
CA GLU C 277 -4.82 9.77 -0.92
C GLU C 277 -6.23 10.19 -1.36
N PHE C 278 -6.31 11.19 -2.23
CA PHE C 278 -7.59 11.54 -2.85
C PHE C 278 -8.10 10.36 -3.68
N ALA C 279 -7.18 9.64 -4.32
CA ALA C 279 -7.49 8.40 -5.03
C ALA C 279 -8.58 8.63 -6.08
N PRO C 280 -8.25 9.35 -7.16
CA PRO C 280 -9.24 9.80 -8.13
C PRO C 280 -9.65 8.71 -9.11
N ASP C 281 -10.90 8.78 -9.57
CA ASP C 281 -11.40 7.88 -10.61
C ASP C 281 -10.77 8.22 -11.97
N VAL C 282 -10.72 9.53 -12.27
CA VAL C 282 -10.19 10.02 -13.54
C VAL C 282 -9.25 11.20 -13.30
N VAL C 283 -8.24 11.35 -14.16
CA VAL C 283 -7.28 12.44 -14.04
C VAL C 283 -7.32 13.33 -15.29
N LEU C 284 -7.37 14.64 -15.07
CA LEU C 284 -7.30 15.62 -16.16
C LEU C 284 -6.08 16.51 -15.94
N VAL C 285 -5.44 16.91 -17.04
CA VAL C 285 -4.21 17.71 -16.95
C VAL C 285 -4.26 18.92 -17.88
N SER C 286 -4.31 20.11 -17.29
CA SER C 286 -4.10 21.35 -18.05
C SER C 286 -2.62 21.44 -18.35
N SER C 287 -2.22 20.80 -19.46
CA SER C 287 -0.82 20.59 -19.77
C SER C 287 -0.23 21.71 -20.61
N GLY C 288 0.19 22.79 -19.94
CA GLY C 288 0.95 23.86 -20.57
C GLY C 288 2.42 23.51 -20.61
N PHE C 289 3.15 24.13 -21.53
CA PHE C 289 4.60 23.89 -21.67
C PHE C 289 5.40 25.19 -21.60
N ASP C 290 4.86 26.20 -20.89
CA ASP C 290 5.53 27.48 -20.75
C ASP C 290 6.56 27.46 -19.62
N ALA C 291 6.59 26.30 -18.89
CA ALA C 291 7.63 26.03 -17.91
C ALA C 291 8.96 25.65 -18.58
N VAL C 292 8.89 25.17 -19.82
CA VAL C 292 10.08 24.78 -20.58
C VAL C 292 10.98 25.98 -20.85
N GLU C 293 12.29 25.74 -20.95
CA GLU C 293 13.26 26.81 -21.18
C GLU C 293 13.01 27.50 -22.52
N GLY C 294 13.36 28.78 -22.59
CA GLY C 294 13.17 29.58 -23.79
C GLY C 294 11.85 30.34 -23.78
N HIS C 295 11.19 30.35 -22.62
CA HIS C 295 9.98 31.13 -22.42
C HIS C 295 10.31 32.32 -21.53
N PRO C 296 10.71 33.45 -22.12
CA PRO C 296 11.04 34.61 -21.29
C PRO C 296 9.82 35.15 -20.53
N THR C 297 10.06 35.85 -19.43
CA THR C 297 8.98 36.45 -18.66
C THR C 297 8.31 37.52 -19.53
N PRO C 298 6.94 37.66 -19.47
CA PRO C 298 5.97 36.97 -18.62
C PRO C 298 5.39 35.67 -19.19
N LEU C 299 5.95 35.23 -20.36
CA LEU C 299 5.46 34.01 -21.01
C LEU C 299 5.91 32.75 -20.27
N GLY C 300 6.97 32.89 -19.44
CA GLY C 300 7.44 31.81 -18.59
C GLY C 300 8.47 32.27 -17.56
N GLY C 301 9.72 31.85 -17.75
CA GLY C 301 10.81 32.24 -16.86
C GLY C 301 11.61 31.07 -16.35
N TYR C 302 10.98 29.89 -16.30
CA TYR C 302 11.63 28.69 -15.76
C TYR C 302 12.38 27.91 -16.84
N ASN C 303 13.14 26.91 -16.39
CA ASN C 303 14.03 26.16 -17.27
C ASN C 303 13.86 24.64 -17.13
N LEU C 304 12.63 24.18 -17.34
CA LEU C 304 12.38 22.74 -17.42
C LEU C 304 12.81 22.24 -18.79
N SER C 305 13.09 20.94 -18.86
CA SER C 305 13.43 20.29 -20.12
C SER C 305 12.21 19.60 -20.70
N ALA C 306 12.28 19.25 -21.98
CA ALA C 306 11.20 18.50 -22.64
C ALA C 306 11.11 17.09 -22.08
N ARG C 307 12.27 16.46 -21.87
CA ARG C 307 12.36 15.13 -21.26
C ARG C 307 11.61 15.02 -19.93
N CYS C 308 11.61 16.11 -19.16
CA CYS C 308 11.05 16.11 -17.81
C CYS C 308 9.56 15.76 -17.76
N PHE C 309 8.80 16.24 -18.72
CA PHE C 309 7.37 15.98 -18.78
C PHE C 309 7.05 14.50 -19.07
N GLY C 310 8.07 13.72 -19.38
CA GLY C 310 7.95 12.27 -19.42
C GLY C 310 7.75 11.70 -18.03
N TYR C 311 8.63 12.09 -17.11
CA TYR C 311 8.56 11.64 -15.71
C TYR C 311 7.22 12.01 -15.08
N LEU C 312 6.78 13.25 -15.32
CA LEU C 312 5.55 13.77 -14.73
C LEU C 312 4.31 13.10 -15.29
N THR C 313 4.36 12.68 -16.55
CA THR C 313 3.30 11.89 -17.16
C THR C 313 3.38 10.45 -16.66
N LYS C 314 4.60 9.92 -16.56
CA LYS C 314 4.83 8.56 -16.06
C LYS C 314 4.28 8.38 -14.63
N GLN C 315 4.48 9.40 -13.80
CA GLN C 315 4.02 9.38 -12.41
C GLN C 315 2.50 9.47 -12.29
N LEU C 316 1.88 10.34 -13.08
CA LEU C 316 0.42 10.50 -13.05
C LEU C 316 -0.33 9.31 -13.64
N MET C 317 0.33 8.56 -14.53
CA MET C 317 -0.25 7.34 -15.10
C MET C 317 -0.45 6.24 -14.04
N GLY C 318 0.24 6.36 -12.91
CA GLY C 318 0.07 5.44 -11.78
C GLY C 318 -1.28 5.53 -11.11
N LEU C 319 -1.84 6.73 -11.06
CA LEU C 319 -3.13 6.97 -10.41
C LEU C 319 -4.30 6.73 -11.36
N ALA C 320 -5.48 6.48 -10.78
CA ALA C 320 -6.73 6.35 -11.53
C ALA C 320 -6.68 5.27 -12.61
N GLY C 321 -5.97 4.18 -12.32
CA GLY C 321 -5.85 3.05 -13.25
C GLY C 321 -5.26 3.40 -14.61
N GLY C 322 -4.42 4.44 -14.64
CA GLY C 322 -3.85 4.94 -15.89
C GLY C 322 -4.85 5.66 -16.77
N ARG C 323 -5.87 6.27 -16.17
CA ARG C 323 -6.87 7.03 -16.91
C ARG C 323 -6.62 8.54 -16.81
N ILE C 324 -5.59 8.99 -17.52
CA ILE C 324 -5.26 10.42 -17.60
C ILE C 324 -5.54 10.97 -18.99
N VAL C 325 -5.83 12.27 -19.06
CA VAL C 325 -6.01 12.95 -20.34
C VAL C 325 -5.38 14.34 -20.27
N LEU C 326 -4.33 14.54 -21.06
CA LEU C 326 -3.65 15.84 -21.15
C LEU C 326 -4.36 16.69 -22.20
N ALA C 327 -4.55 17.97 -21.88
CA ALA C 327 -5.14 18.94 -22.81
C ALA C 327 -4.20 20.12 -22.94
N LEU C 328 -3.90 20.51 -24.17
CA LEU C 328 -2.96 21.59 -24.43
C LEU C 328 -3.50 22.91 -23.88
N GLU C 329 -2.59 23.72 -23.25
CA GLU C 329 -2.97 25.01 -22.68
C GLU C 329 -1.99 26.06 -23.23
N GLY C 330 -1.07 26.60 -22.34
CA GLY C 330 -0.07 27.53 -22.78
C GLY C 330 1.12 26.80 -23.37
N GLY C 331 2.11 27.62 -23.86
CA GLY C 331 3.31 27.07 -24.48
C GLY C 331 3.49 27.68 -25.88
N HIS C 332 4.49 28.62 -25.93
CA HIS C 332 4.70 29.46 -27.10
C HIS C 332 5.76 28.86 -28.03
N ASP C 333 6.97 28.64 -27.44
CA ASP C 333 8.15 28.19 -28.21
C ASP C 333 7.88 26.89 -28.96
N LEU C 334 8.05 26.93 -30.28
CA LEU C 334 7.63 25.84 -31.16
C LEU C 334 8.37 24.53 -30.91
N THR C 335 9.70 24.61 -30.78
CA THR C 335 10.50 23.41 -30.52
C THR C 335 10.26 22.89 -29.10
N ALA C 336 10.03 23.81 -28.16
CA ALA C 336 9.77 23.44 -26.77
C ALA C 336 8.48 22.64 -26.61
N ILE C 337 7.37 23.18 -27.10
CA ILE C 337 6.06 22.51 -26.98
C ILE C 337 5.98 21.21 -27.78
N CYS C 338 6.76 21.11 -28.85
CA CYS C 338 6.79 19.92 -29.69
C CYS C 338 7.56 18.76 -29.06
N ASP C 339 8.72 19.07 -28.50
CA ASP C 339 9.53 18.07 -27.79
C ASP C 339 8.86 17.63 -26.49
N ALA C 340 8.17 18.58 -25.84
CA ALA C 340 7.42 18.28 -24.62
C ALA C 340 6.17 17.43 -24.90
N SER C 341 5.57 17.65 -26.06
CA SER C 341 4.42 16.84 -26.49
C SER C 341 4.89 15.43 -26.81
N GLU C 342 5.92 15.33 -27.65
CA GLU C 342 6.53 14.05 -28.00
C GLU C 342 6.85 13.24 -26.76
N ALA C 343 7.48 13.91 -25.78
CA ALA C 343 7.87 13.27 -24.52
C ALA C 343 6.68 12.78 -23.70
N CYS C 344 5.59 13.56 -23.69
CA CYS C 344 4.37 13.17 -22.99
C CYS C 344 3.67 12.02 -23.70
N VAL C 345 3.48 12.18 -25.02
CA VAL C 345 2.81 11.17 -25.83
C VAL C 345 3.58 9.85 -25.79
N SER C 346 4.91 9.92 -25.96
CA SER C 346 5.78 8.75 -25.85
C SER C 346 5.69 8.09 -24.47
N ALA C 347 5.48 8.91 -23.43
CA ALA C 347 5.25 8.39 -22.09
C ALA C 347 3.89 7.71 -21.99
N LEU C 348 2.86 8.38 -22.52
CA LEU C 348 1.49 7.87 -22.47
C LEU C 348 1.33 6.47 -23.08
N LEU C 349 2.06 6.21 -24.16
CA LEU C 349 2.02 4.91 -24.83
C LEU C 349 2.60 3.82 -23.91
N GLY C 350 3.84 4.03 -23.45
CA GLY C 350 4.50 3.11 -22.51
C GLY C 350 6.01 2.99 -22.65
N ASN C 351 6.66 4.01 -23.20
CA ASN C 351 8.10 3.98 -23.47
C ASN C 351 8.90 4.64 -22.34
N GLU C 352 10.23 4.64 -22.47
CA GLU C 352 11.13 5.20 -21.44
C GLU C 352 11.11 6.73 -21.45
N LYS C 359 22.74 13.54 -13.22
CA LYS C 359 23.33 14.61 -12.43
C LYS C 359 22.24 15.49 -11.83
N VAL C 360 21.38 16.04 -12.69
CA VAL C 360 20.24 16.85 -12.23
C VAL C 360 19.19 15.99 -11.53
N LEU C 361 19.14 14.71 -11.90
CA LEU C 361 18.29 13.72 -11.22
C LEU C 361 18.64 13.62 -9.73
N GLN C 362 19.91 13.86 -9.40
CA GLN C 362 20.39 13.87 -8.01
C GLN C 362 21.02 15.23 -7.68
N GLN C 363 20.16 16.24 -7.58
CA GLN C 363 20.57 17.63 -7.30
C GLN C 363 19.47 18.28 -6.46
N ARG C 364 19.85 19.04 -5.44
CA ARG C 364 18.88 19.62 -4.50
C ARG C 364 18.09 20.79 -5.13
N PRO C 365 16.80 20.89 -4.80
CA PRO C 365 16.03 22.10 -5.11
C PRO C 365 16.55 23.32 -4.36
N ASN C 366 16.56 24.47 -5.03
CA ASN C 366 17.01 25.71 -4.41
C ASN C 366 16.15 26.13 -3.21
N ALA C 367 16.68 27.04 -2.40
CA ALA C 367 16.01 27.46 -1.16
C ALA C 367 14.62 28.05 -1.39
N ASN C 368 14.43 28.71 -2.53
CA ASN C 368 13.15 29.32 -2.89
C ASN C 368 12.07 28.28 -3.15
N ALA C 369 12.45 27.21 -3.84
CA ALA C 369 11.53 26.10 -4.13
C ALA C 369 11.24 25.27 -2.88
N VAL C 370 12.27 25.06 -2.06
CA VAL C 370 12.13 24.31 -0.81
C VAL C 370 11.17 25.03 0.13
N ARG C 371 11.39 26.33 0.29
CA ARG C 371 10.52 27.19 1.09
C ARG C 371 9.11 27.25 0.50
N SER C 372 9.02 27.25 -0.82
CA SER C 372 7.73 27.28 -1.52
C SER C 372 6.91 26.03 -1.24
N MET C 373 7.55 24.87 -1.33
CA MET C 373 6.88 23.59 -1.06
C MET C 373 6.43 23.49 0.40
N GLU C 374 7.29 23.90 1.32
CA GLU C 374 6.97 23.89 2.75
C GLU C 374 5.74 24.74 3.06
N LYS C 375 5.67 25.94 2.48
CA LYS C 375 4.52 26.82 2.65
C LYS C 375 3.22 26.12 2.29
N VAL C 376 3.25 25.38 1.18
CA VAL C 376 2.09 24.61 0.72
C VAL C 376 1.87 23.37 1.59
N MET C 377 2.97 22.70 1.97
CA MET C 377 2.89 21.50 2.81
C MET C 377 2.42 21.81 4.24
N GLU C 378 2.69 23.02 4.73
CA GLU C 378 2.26 23.45 6.07
C GLU C 378 0.76 23.67 6.16
N ILE C 379 0.19 24.33 5.15
CA ILE C 379 -1.24 24.61 5.13
C ILE C 379 -2.07 23.35 4.91
N HIS C 380 -1.63 22.52 3.96
CA HIS C 380 -2.38 21.31 3.59
C HIS C 380 -2.03 20.07 4.43
N SER C 381 -1.24 20.26 5.49
CA SER C 381 -1.04 19.21 6.48
C SER C 381 -2.32 18.95 7.28
N LYS C 382 -3.17 19.96 7.36
CA LYS C 382 -4.46 19.86 8.04
C LYS C 382 -5.43 18.89 7.35
N TYR C 383 -5.47 18.96 6.02
CA TYR C 383 -6.55 18.32 5.25
C TYR C 383 -6.17 16.97 4.61
N TRP C 384 -4.92 16.52 4.80
CA TRP C 384 -4.46 15.27 4.20
C TRP C 384 -3.60 14.43 5.13
N ARG C 385 -4.06 13.21 5.37
CA ARG C 385 -3.39 12.20 6.21
C ARG C 385 -1.93 11.94 5.80
N CYS C 386 -1.64 12.10 4.51
CA CYS C 386 -0.29 11.87 3.98
C CYS C 386 0.74 12.88 4.51
N LEU C 387 0.28 14.10 4.79
CA LEU C 387 1.15 15.17 5.29
C LEU C 387 0.85 15.47 6.76
N GLN C 388 0.60 14.43 7.55
CA GLN C 388 0.10 14.61 8.93
C GLN C 388 1.12 15.16 9.92
N ARG C 389 2.41 15.05 9.60
CA ARG C 389 3.46 15.61 10.46
C ARG C 389 4.34 16.63 9.74
N HIS C 390 3.88 17.88 9.73
CA HIS C 390 4.63 18.99 9.11
C HIS C 390 4.44 20.30 9.88
#